data_8UW3
#
_entry.id   8UW3
#
loop_
_entity.id
_entity.type
_entity.pdbx_description
1 polymer 'LINE-1 retrotransposable element ORF2 protein'
2 polymer 'Template RNA'
3 polymer 'Complementary DNA'
4 non-polymer "THYMIDINE-5'-TRIPHOSPHATE"
#
loop_
_entity_poly.entity_id
_entity_poly.type
_entity_poly.pdbx_seq_one_letter_code
_entity_poly.pdbx_strand_id
1 'polypeptide(L)'
;MTGSNSHITILTLNINGLNSAIKRHRLASWIKSQDPSVCCIQETHLTCRDTHRLKIKGWRKIYQANGKQKKAGVAILVSD
KTDFKPTKIKRDKEGHYIMVKGSIQQEELTILNIYAPNTGAPRFIKQVLSDLQRDLDSHTLIMGDFNTPLSTLDRSTRQK
VNKDTQELNSALHQADLIDIYRTLHPKSTEYTFFSAPHHTYSKIDHIVGSKALLSKCKRTEIITNYLSDHSAIKLELRIK
NLTQSRSTTWKLNNLLLNDYWVHNEMKAEIKMFFETNENKDTTYQNLWDAFKAVCRGKFIALNAHKRKQERSKIDTLTSQ
LKELEKQEQTHSKASRRQEITKIRAELKEIETQKTLQKINESRSWFFERINKIDRPLARLIKKKREKNQIDTIKNDKGDI
TTDPTEIQTTIREYYKHLYANKLENLEEMDKFLDTYTLPRLNQEEVESLNRPITGSEIVAIINSLPTKKSPGPDGFTAEF
YQRYKEELVPFLLKLFQSIEKEGILPNSFYEASIILIPKPGRDTTKKENFRPISLMNIDAKILNKILANRIQQHIKKLIH
HDQVGFIPGMQGWFNIRKSINVIQHINRAKDKNHMIISIDAEKAFDKIQQPFMLKTLNKLGIDGTYFKIIRAIYDKPTAN
IILNGQKLEAFPLKTGTRQGCPLSPLLFNIVLEVLARAIRQEKEIKGIQLGKEEVKLSLFADDMIVYLENPIVSAQNLLK
LISNFSKVSGYKINVQKSQAFLYTNNRQTESQIMGELPFTIASKRIKYLGIQLTRDVKDLFKENYKPLLKEIKEETNKWK
NIPCSWVGRINIVKMAILPKVIYRFNAIPIKLPMTFFTELEKTTLKFIWNQKRARIAKSILSQKNKAGGITLPDFKLYYK
ATVTKTAWYWYQNRDIDQWNRTEPSEIMPHIYNYLIFDKPEKNKQWGKDSLFNKWCWENWLAICRKLKLDPFLTPYTKIN
SRWIKDLNVKPKTIKTLEENLGITIQDIGVGKDFMSKTPKAMATKDKIDKWDLIKLKSFCTAKETTIRVNRQPTTWEKIF
ATYSSDKGLISRIYNELKQIYKKKTNNPIKKWAKDMNRHFSKEDIYAAKKHMKKCSSSLAIREMQIKTTMRYHLTPVRMA
IIKKSGNNRCWRGCGEIGTLLHCWWDCKLVQPLWKSVWRFLRDLELEIPFDPAIPLLGIYPNEYKSCCYKDTCTRMFIAA
LFTIAKTWNQPKCPTMIDWIKKMWHIYTMEYYAAIKNDEFISFVGTWMKLETIILSKLSQEQKTKHRIFSLIGGN
;
A
2 'polyribonucleotide' GCAGACUGCGUAGGCGUGCAGGAACCUGCACGCCUACGCAGUCUGCAAAAAAAAAAAAAAACAAUAUCGGCGCG B
3 'polydeoxyribonucleotide' (DC)(DG)(DC)(DG)(DC)(DC)(DG)(DA)(DT)(DA)(DT)(DT)(DDG) C
#
# COMPACT_ATOMS: atom_id res chain seq x y z
N SER A 6 -31.28 10.50 20.93
CA SER A 6 -30.93 10.18 19.50
C SER A 6 -31.88 10.89 18.56
N HIS A 7 -31.31 11.67 17.63
CA HIS A 7 -32.09 12.43 16.67
C HIS A 7 -31.49 12.26 15.28
N ILE A 8 -32.33 12.38 14.26
CA ILE A 8 -31.92 12.25 12.87
C ILE A 8 -32.00 13.62 12.22
N THR A 9 -30.84 14.19 11.90
CA THR A 9 -30.77 15.49 11.24
C THR A 9 -30.83 15.28 9.74
N ILE A 10 -31.86 15.84 9.11
CA ILE A 10 -32.05 15.76 7.67
C ILE A 10 -31.91 17.17 7.11
N LEU A 11 -31.00 17.34 6.14
CA LEU A 11 -30.69 18.63 5.56
C LEU A 11 -31.03 18.63 4.07
N THR A 12 -31.67 19.70 3.63
CA THR A 12 -31.99 19.91 2.23
C THR A 12 -31.40 21.23 1.77
N LEU A 13 -30.91 21.27 0.53
CA LEU A 13 -30.26 22.47 0.02
C LEU A 13 -30.31 22.47 -1.50
N ASN A 14 -30.57 23.63 -2.07
CA ASN A 14 -30.48 23.85 -3.51
C ASN A 14 -29.16 24.56 -3.78
N ILE A 15 -28.14 23.78 -4.12
CA ILE A 15 -26.79 24.33 -4.31
C ILE A 15 -26.62 25.05 -5.63
N ASN A 16 -27.59 24.96 -6.54
CA ASN A 16 -27.53 25.63 -7.84
C ASN A 16 -26.27 25.20 -8.61
N GLY A 17 -26.03 23.90 -8.63
CA GLY A 17 -24.94 23.35 -9.41
C GLY A 17 -23.69 23.05 -8.60
N LEU A 18 -23.04 21.94 -8.91
CA LEU A 18 -21.84 21.49 -8.21
C LEU A 18 -20.62 21.46 -9.13
N ASN A 19 -20.66 22.18 -10.25
CA ASN A 19 -19.53 22.17 -11.16
C ASN A 19 -18.28 22.75 -10.50
N SER A 20 -18.43 23.85 -9.77
CA SER A 20 -17.30 24.50 -9.13
C SER A 20 -16.71 23.58 -8.06
N ALA A 21 -15.51 23.04 -8.23
CA ALA A 21 -14.96 22.16 -7.18
C ALA A 21 -14.81 22.85 -5.84
N ILE A 22 -14.45 24.14 -5.85
CA ILE A 22 -14.30 24.88 -4.59
C ILE A 22 -15.63 24.91 -3.85
N LYS A 23 -16.72 25.15 -4.57
CA LYS A 23 -18.04 25.17 -3.93
C LYS A 23 -18.43 23.77 -3.46
N ARG A 24 -18.09 22.74 -4.24
CA ARG A 24 -18.41 21.38 -3.83
C ARG A 24 -17.78 21.06 -2.48
N HIS A 25 -16.47 21.26 -2.35
CA HIS A 25 -15.79 20.90 -1.12
C HIS A 25 -16.27 21.78 0.04
N ARG A 26 -16.45 23.07 -0.20
CA ARG A 26 -16.85 23.94 0.89
C ARG A 26 -18.24 23.57 1.42
N LEU A 27 -19.17 23.23 0.52
CA LEU A 27 -20.40 22.61 0.99
C LEU A 27 -20.12 21.30 1.70
N ALA A 28 -19.17 20.52 1.18
CA ALA A 28 -18.78 19.28 1.83
C ALA A 28 -18.09 19.56 3.17
N SER A 29 -17.33 20.64 3.27
CA SER A 29 -16.72 20.99 4.55
C SER A 29 -17.77 21.56 5.51
N TRP A 30 -18.67 22.39 5.00
CA TRP A 30 -19.75 22.91 5.84
C TRP A 30 -20.67 21.79 6.31
N ILE A 31 -21.02 20.87 5.41
CA ILE A 31 -21.89 19.76 5.79
C ILE A 31 -21.21 18.88 6.82
N LYS A 32 -19.87 18.78 6.76
CA LYS A 32 -19.14 18.11 7.82
C LYS A 32 -19.33 18.83 9.15
N SER A 33 -19.32 20.16 9.11
CA SER A 33 -19.50 20.96 10.35
C SER A 33 -20.91 20.71 10.93
N GLN A 34 -21.93 20.68 10.07
CA GLN A 34 -23.29 20.50 10.56
C GLN A 34 -23.53 19.07 11.04
N ASP A 35 -22.79 18.12 10.50
CA ASP A 35 -22.90 16.71 10.89
C ASP A 35 -24.33 16.21 10.79
N PRO A 36 -25.02 16.45 9.66
CA PRO A 36 -26.39 15.97 9.52
C PRO A 36 -26.44 14.45 9.37
N SER A 37 -27.55 13.88 9.83
CA SER A 37 -27.76 12.44 9.68
C SER A 37 -28.13 12.08 8.24
N VAL A 38 -28.82 12.97 7.54
CA VAL A 38 -29.16 12.77 6.14
C VAL A 38 -29.08 14.12 5.43
N CYS A 39 -28.66 14.09 4.18
CA CYS A 39 -28.52 15.30 3.37
C CYS A 39 -29.20 15.08 2.03
N CYS A 40 -30.04 16.03 1.63
CA CYS A 40 -30.69 16.02 0.33
C CYS A 40 -30.21 17.24 -0.45
N ILE A 41 -29.70 17.00 -1.66
CA ILE A 41 -29.09 18.05 -2.47
C ILE A 41 -29.81 18.12 -3.81
N GLN A 42 -30.09 19.34 -4.25
CA GLN A 42 -30.85 19.58 -5.46
C GLN A 42 -30.02 20.36 -6.46
N GLU A 43 -30.19 20.05 -7.74
CA GLU A 43 -29.53 20.77 -8.82
C GLU A 43 -28.01 20.58 -8.75
N THR A 44 -27.59 19.32 -8.70
CA THR A 44 -26.17 19.00 -8.68
C THR A 44 -25.48 19.36 -9.99
N HIS A 45 -26.25 19.57 -11.07
CA HIS A 45 -25.68 19.82 -12.39
C HIS A 45 -24.70 18.70 -12.76
N LEU A 46 -25.07 17.47 -12.42
CA LEU A 46 -24.32 16.29 -12.79
C LEU A 46 -25.15 15.45 -13.76
N THR A 47 -24.46 14.85 -14.73
CA THR A 47 -25.08 13.90 -15.64
C THR A 47 -24.81 12.47 -15.17
N CYS A 48 -25.48 11.52 -15.81
CA CYS A 48 -25.19 10.12 -15.54
C CYS A 48 -23.74 9.78 -15.85
N ARG A 49 -23.11 10.55 -16.74
CA ARG A 49 -21.70 10.40 -17.01
C ARG A 49 -20.82 11.05 -15.95
N ASP A 50 -21.37 12.01 -15.20
CA ASP A 50 -20.61 12.76 -14.20
C ASP A 50 -20.79 12.21 -12.79
N THR A 51 -21.49 11.08 -12.63
CA THR A 51 -21.62 10.49 -11.30
C THR A 51 -20.26 10.22 -10.69
N HIS A 52 -19.25 9.95 -11.51
CA HIS A 52 -17.90 9.77 -11.01
C HIS A 52 -17.40 11.02 -10.29
N ARG A 53 -17.90 12.20 -10.69
CA ARG A 53 -17.41 13.45 -10.11
C ARG A 53 -17.77 13.55 -8.63
N LEU A 54 -18.99 13.17 -8.27
CA LEU A 54 -19.46 13.29 -6.88
C LEU A 54 -18.90 12.11 -6.07
N LYS A 55 -17.65 12.28 -5.64
CA LYS A 55 -16.98 11.32 -4.77
C LYS A 55 -16.36 12.10 -3.61
N ILE A 56 -16.95 11.99 -2.43
CA ILE A 56 -16.53 12.73 -1.25
C ILE A 56 -15.93 11.75 -0.25
N LYS A 57 -14.73 12.08 0.24
CA LYS A 57 -14.08 11.23 1.23
C LYS A 57 -14.86 11.23 2.54
N GLY A 58 -14.93 10.07 3.18
CA GLY A 58 -15.60 9.92 4.45
C GLY A 58 -17.07 9.56 4.37
N TRP A 59 -17.66 9.55 3.18
CA TRP A 59 -19.07 9.20 2.99
C TRP A 59 -19.16 8.25 1.82
N ARG A 60 -19.79 7.09 2.03
CA ARG A 60 -19.80 6.02 1.04
C ARG A 60 -21.16 5.83 0.36
N LYS A 61 -22.25 5.80 1.13
CA LYS A 61 -23.57 5.53 0.55
C LYS A 61 -24.12 6.83 -0.01
N ILE A 62 -23.80 7.08 -1.28
CA ILE A 62 -24.23 8.28 -1.99
C ILE A 62 -25.08 7.84 -3.18
N TYR A 63 -26.35 8.21 -3.16
CA TYR A 63 -27.30 7.84 -4.19
C TYR A 63 -27.58 9.03 -5.08
N GLN A 64 -27.46 8.85 -6.39
CA GLN A 64 -27.53 9.95 -7.34
C GLN A 64 -28.59 9.68 -8.39
N ALA A 65 -29.35 10.72 -8.72
CA ALA A 65 -30.26 10.74 -9.86
C ALA A 65 -29.88 11.95 -10.70
N ASN A 66 -29.29 11.69 -11.88
CA ASN A 66 -28.72 12.74 -12.71
C ASN A 66 -29.42 12.74 -14.07
N GLY A 67 -29.79 13.94 -14.53
CA GLY A 67 -30.35 14.10 -15.86
C GLY A 67 -29.28 14.15 -16.93
N LYS A 68 -29.75 14.22 -18.19
CA LYS A 68 -28.82 14.28 -19.31
C LYS A 68 -28.11 15.63 -19.37
N GLN A 69 -28.87 16.72 -19.18
CA GLN A 69 -28.33 18.06 -19.36
C GLN A 69 -27.59 18.51 -18.09
N LYS A 70 -26.89 19.64 -18.22
CA LYS A 70 -26.21 20.29 -17.11
C LYS A 70 -27.10 21.32 -16.44
N LYS A 71 -28.32 20.92 -16.13
CA LYS A 71 -29.30 21.80 -15.49
C LYS A 71 -29.85 21.20 -14.21
N ALA A 72 -30.04 19.89 -14.16
CA ALA A 72 -30.66 19.25 -13.00
C ALA A 72 -29.81 18.08 -12.51
N GLY A 73 -30.34 17.31 -11.56
CA GLY A 73 -29.61 16.23 -10.96
C GLY A 73 -29.69 16.30 -9.45
N VAL A 74 -30.12 15.22 -8.81
CA VAL A 74 -30.33 15.19 -7.38
C VAL A 74 -29.63 13.98 -6.79
N ALA A 75 -29.37 14.07 -5.49
CA ALA A 75 -28.76 12.98 -4.75
C ALA A 75 -29.16 13.11 -3.29
N ILE A 76 -29.06 11.99 -2.57
CA ILE A 76 -29.34 11.95 -1.13
C ILE A 76 -28.14 11.34 -0.43
N LEU A 77 -27.70 11.98 0.64
CA LEU A 77 -26.60 11.48 1.46
C LEU A 77 -27.14 11.06 2.81
N VAL A 78 -26.84 9.82 3.22
CA VAL A 78 -27.20 9.30 4.52
C VAL A 78 -25.92 9.17 5.34
N SER A 79 -25.98 9.66 6.57
CA SER A 79 -24.79 9.68 7.42
C SER A 79 -24.34 8.25 7.76
N ASP A 80 -23.03 8.06 7.82
CA ASP A 80 -22.49 6.78 8.27
C ASP A 80 -22.97 6.45 9.66
N LYS A 81 -23.27 7.47 10.48
CA LYS A 81 -23.90 7.26 11.77
C LYS A 81 -25.34 6.80 11.65
N THR A 82 -25.93 6.90 10.45
CA THR A 82 -27.31 6.49 10.21
C THR A 82 -27.29 5.18 9.45
N ASP A 83 -27.95 4.17 10.01
CA ASP A 83 -28.00 2.83 9.43
C ASP A 83 -29.28 2.64 8.62
N PHE A 84 -29.42 3.44 7.57
CA PHE A 84 -30.56 3.32 6.68
C PHE A 84 -30.38 2.12 5.77
N LYS A 85 -31.39 1.27 5.68
CA LYS A 85 -31.36 0.05 4.87
C LYS A 85 -32.26 0.24 3.67
N PRO A 86 -31.76 0.76 2.55
CA PRO A 86 -32.62 0.98 1.39
C PRO A 86 -33.23 -0.32 0.88
N THR A 87 -34.47 -0.23 0.42
CA THR A 87 -35.20 -1.37 -0.11
C THR A 87 -35.46 -1.23 -1.60
N LYS A 88 -36.05 -0.10 -2.03
CA LYS A 88 -36.31 0.17 -3.43
C LYS A 88 -35.91 1.61 -3.74
N ILE A 89 -35.31 1.81 -4.91
CA ILE A 89 -34.85 3.12 -5.34
C ILE A 89 -35.43 3.41 -6.72
N LYS A 90 -36.05 4.58 -6.87
CA LYS A 90 -36.49 5.09 -8.16
C LYS A 90 -35.77 6.42 -8.40
N ARG A 91 -35.32 6.62 -9.63
CA ARG A 91 -34.58 7.82 -10.00
C ARG A 91 -35.22 8.45 -11.22
N ASP A 92 -35.18 9.78 -11.27
CA ASP A 92 -35.70 10.52 -12.41
C ASP A 92 -34.64 10.61 -13.49
N LYS A 93 -35.02 10.28 -14.72
CA LYS A 93 -34.09 10.35 -15.83
C LYS A 93 -33.66 11.78 -16.12
N GLU A 94 -34.38 12.77 -15.60
CA GLU A 94 -33.99 14.17 -15.70
C GLU A 94 -33.59 14.76 -14.36
N GLY A 95 -33.60 13.97 -13.29
CA GLY A 95 -33.14 14.43 -12.00
C GLY A 95 -34.16 15.18 -11.17
N HIS A 96 -35.40 15.31 -11.64
CA HIS A 96 -36.40 16.05 -10.89
C HIS A 96 -36.80 15.36 -9.60
N TYR A 97 -36.65 14.04 -9.52
CA TYR A 97 -37.04 13.30 -8.33
C TYR A 97 -36.19 12.05 -8.19
N ILE A 98 -36.12 11.53 -6.97
CA ILE A 98 -35.52 10.24 -6.69
C ILE A 98 -36.20 9.64 -5.46
N MET A 99 -36.73 8.44 -5.61
CA MET A 99 -37.46 7.77 -4.53
C MET A 99 -36.58 6.69 -3.90
N VAL A 100 -36.66 6.56 -2.59
CA VAL A 100 -35.90 5.56 -1.86
C VAL A 100 -36.72 5.10 -0.67
N LYS A 101 -37.00 3.80 -0.61
CA LYS A 101 -37.76 3.20 0.49
C LYS A 101 -36.85 2.30 1.30
N GLY A 102 -36.95 2.41 2.62
CA GLY A 102 -36.11 1.61 3.50
C GLY A 102 -36.47 1.85 4.94
N SER A 103 -35.60 1.38 5.83
CA SER A 103 -35.80 1.49 7.26
C SER A 103 -34.53 1.98 7.93
N ILE A 104 -34.71 2.65 9.07
CA ILE A 104 -33.60 3.17 9.87
C ILE A 104 -33.74 2.58 11.28
N GLN A 105 -32.70 1.88 11.73
CA GLN A 105 -32.71 1.25 13.05
C GLN A 105 -34.00 0.49 13.29
N GLN A 106 -34.40 -0.31 12.29
CA GLN A 106 -35.64 -1.15 12.39
C GLN A 106 -36.89 -0.29 12.32
N GLU A 107 -36.77 1.02 12.04
CA GLU A 107 -37.94 1.87 11.86
C GLU A 107 -38.06 2.21 10.38
N GLU A 108 -39.17 1.80 9.76
CA GLU A 108 -39.37 2.03 8.34
C GLU A 108 -39.35 3.52 8.04
N LEU A 109 -38.66 3.89 6.96
CA LEU A 109 -38.52 5.29 6.56
C LEU A 109 -38.74 5.39 5.06
N THR A 110 -39.68 6.24 4.65
CA THR A 110 -39.97 6.50 3.25
C THR A 110 -39.52 7.92 2.94
N ILE A 111 -38.58 8.06 2.01
CA ILE A 111 -37.99 9.35 1.67
C ILE A 111 -38.22 9.63 0.20
N LEU A 112 -38.72 10.82 -0.10
CA LEU A 112 -38.94 11.27 -1.48
C LEU A 112 -38.23 12.59 -1.67
N ASN A 113 -37.53 12.72 -2.80
CA ASN A 113 -36.89 13.96 -3.21
C ASN A 113 -37.56 14.43 -4.50
N ILE A 114 -37.90 15.71 -4.55
CA ILE A 114 -38.63 16.27 -5.68
C ILE A 114 -38.07 17.65 -6.01
N TYR A 115 -37.83 17.90 -7.30
CA TYR A 115 -37.46 19.22 -7.82
C TYR A 115 -38.50 19.56 -8.89
N ALA A 116 -39.57 20.24 -8.47
CA ALA A 116 -40.63 20.58 -9.40
C ALA A 116 -40.18 21.70 -10.33
N PRO A 117 -40.74 21.77 -11.54
CA PRO A 117 -40.44 22.92 -12.40
C PRO A 117 -40.87 24.23 -11.75
N ASN A 118 -40.10 25.28 -12.03
CA ASN A 118 -40.38 26.58 -11.44
C ASN A 118 -41.81 27.03 -11.76
N THR A 119 -42.29 26.73 -12.97
CA THR A 119 -43.63 27.11 -13.39
C THR A 119 -44.57 25.91 -13.21
N GLY A 120 -45.71 26.15 -12.57
CA GLY A 120 -46.68 25.10 -12.37
C GLY A 120 -46.18 23.95 -11.52
N ALA A 121 -45.39 24.26 -10.49
CA ALA A 121 -44.90 23.21 -9.60
C ALA A 121 -46.04 22.46 -8.91
N PRO A 122 -47.07 23.13 -8.37
CA PRO A 122 -48.13 22.37 -7.69
C PRO A 122 -48.79 21.32 -8.57
N ARG A 123 -49.01 21.62 -9.86
CA ARG A 123 -49.57 20.61 -10.75
C ARG A 123 -48.60 19.47 -10.94
N PHE A 124 -47.32 19.77 -11.14
CA PHE A 124 -46.30 18.72 -11.27
C PHE A 124 -46.19 17.93 -9.99
N ILE A 125 -46.20 18.59 -8.84
CA ILE A 125 -46.12 17.89 -7.56
C ILE A 125 -47.33 16.99 -7.38
N LYS A 126 -48.52 17.49 -7.72
CA LYS A 126 -49.72 16.67 -7.59
C LYS A 126 -49.63 15.42 -8.46
N GLN A 127 -49.09 15.57 -9.68
CA GLN A 127 -48.88 14.40 -10.53
C GLN A 127 -47.94 13.42 -9.86
N VAL A 128 -46.88 13.92 -9.21
CA VAL A 128 -45.99 13.05 -8.45
C VAL A 128 -46.74 12.39 -7.30
N LEU A 129 -47.59 13.15 -6.62
CA LEU A 129 -48.39 12.58 -5.54
C LEU A 129 -49.30 11.48 -6.06
N SER A 130 -49.96 11.70 -7.20
CA SER A 130 -50.80 10.66 -7.78
C SER A 130 -49.98 9.45 -8.16
N ASP A 131 -48.80 9.67 -8.77
CA ASP A 131 -47.94 8.55 -9.13
C ASP A 131 -47.43 7.83 -7.89
N LEU A 132 -47.07 8.58 -6.85
CA LEU A 132 -46.51 8.01 -5.63
C LEU A 132 -47.56 7.86 -4.53
N GLN A 133 -48.85 8.03 -4.85
CA GLN A 133 -49.89 7.85 -3.85
C GLN A 133 -49.77 6.50 -3.16
N ARG A 134 -49.38 5.47 -3.91
CA ARG A 134 -49.23 4.13 -3.34
C ARG A 134 -48.03 4.03 -2.40
N ASP A 135 -47.03 4.91 -2.56
CA ASP A 135 -45.82 4.83 -1.75
C ASP A 135 -45.90 5.63 -0.46
N LEU A 136 -46.85 6.57 -0.35
CA LEU A 136 -46.93 7.39 0.85
C LEU A 136 -47.44 6.57 2.02
N ASP A 137 -46.75 6.66 3.15
CA ASP A 137 -47.14 5.96 4.37
C ASP A 137 -46.88 6.89 5.56
N SER A 138 -47.07 6.37 6.77
CA SER A 138 -46.89 7.15 7.97
C SER A 138 -45.42 7.45 8.28
N HIS A 139 -44.50 7.05 7.41
CA HIS A 139 -43.08 7.33 7.58
C HIS A 139 -42.53 8.02 6.34
N THR A 140 -43.32 8.92 5.76
CA THR A 140 -42.97 9.59 4.52
C THR A 140 -42.21 10.88 4.80
N LEU A 141 -41.15 11.11 4.02
CA LEU A 141 -40.44 12.38 4.01
C LEU A 141 -40.29 12.80 2.55
N ILE A 142 -40.99 13.87 2.16
CA ILE A 142 -40.89 14.44 0.82
C ILE A 142 -39.96 15.63 0.90
N MET A 143 -38.91 15.63 0.09
CA MET A 143 -37.87 16.63 0.17
C MET A 143 -37.50 17.11 -1.22
N GLY A 144 -36.53 18.01 -1.28
CA GLY A 144 -36.06 18.60 -2.50
C GLY A 144 -36.52 20.04 -2.66
N ASP A 145 -36.41 20.52 -3.89
CA ASP A 145 -36.78 21.90 -4.23
C ASP A 145 -38.24 21.90 -4.67
N PHE A 146 -39.12 22.31 -3.75
CA PHE A 146 -40.53 22.35 -4.07
C PHE A 146 -40.89 23.53 -4.97
N ASN A 147 -40.06 24.58 -4.99
CA ASN A 147 -40.28 25.76 -5.82
C ASN A 147 -41.62 26.42 -5.53
N THR A 148 -42.11 26.30 -4.29
CA THR A 148 -43.37 26.93 -3.95
C THR A 148 -43.47 27.10 -2.44
N PRO A 149 -44.05 28.20 -1.96
CA PRO A 149 -44.35 28.31 -0.53
C PRO A 149 -45.70 27.70 -0.18
N LEU A 150 -45.79 27.22 1.06
CA LEU A 150 -46.98 26.49 1.51
C LEU A 150 -47.95 27.34 2.31
N SER A 151 -47.50 28.45 2.90
CA SER A 151 -48.37 29.28 3.73
C SER A 151 -48.08 30.75 3.46
N THR A 152 -49.01 31.60 3.91
CA THR A 152 -48.83 33.04 3.76
C THR A 152 -47.58 33.50 4.51
N LEU A 153 -47.30 32.89 5.66
CA LEU A 153 -46.12 33.24 6.44
C LEU A 153 -44.83 32.83 5.75
N ASP A 154 -44.89 32.03 4.69
CA ASP A 154 -43.70 31.62 3.96
C ASP A 154 -43.23 32.64 2.95
N ARG A 155 -43.95 33.75 2.77
CA ARG A 155 -43.55 34.83 1.90
C ARG A 155 -43.32 36.10 2.72
N SER A 156 -42.25 36.83 2.40
CA SER A 156 -42.01 38.11 3.04
C SER A 156 -43.15 39.08 2.75
N THR A 157 -43.64 39.08 1.50
CA THR A 157 -44.77 39.93 1.14
C THR A 157 -46.07 39.50 1.81
N ARG A 158 -46.11 38.32 2.43
CA ARG A 158 -47.32 37.81 3.06
C ARG A 158 -48.47 37.75 2.07
N GLN A 159 -48.17 37.32 0.85
CA GLN A 159 -49.17 37.23 -0.21
C GLN A 159 -49.97 35.94 -0.08
N LYS A 160 -51.26 36.03 -0.40
CA LYS A 160 -52.15 34.89 -0.25
C LYS A 160 -51.68 33.71 -1.08
N VAL A 161 -51.70 32.52 -0.48
CA VAL A 161 -51.35 31.31 -1.22
C VAL A 161 -52.30 31.17 -2.40
N ASN A 162 -51.73 30.91 -3.57
CA ASN A 162 -52.53 30.86 -4.79
C ASN A 162 -53.44 29.62 -4.78
N LYS A 163 -54.41 29.61 -5.69
CA LYS A 163 -55.34 28.50 -5.78
C LYS A 163 -54.60 27.18 -6.01
N ASP A 164 -53.47 27.21 -6.72
CA ASP A 164 -52.68 26.01 -6.91
C ASP A 164 -52.16 25.48 -5.57
N THR A 165 -51.71 26.37 -4.69
CA THR A 165 -51.24 25.95 -3.38
C THR A 165 -52.37 25.33 -2.57
N GLN A 166 -53.57 25.93 -2.62
CA GLN A 166 -54.70 25.38 -1.88
C GLN A 166 -55.03 23.97 -2.36
N GLU A 167 -55.07 23.76 -3.68
CA GLU A 167 -55.27 22.42 -4.20
C GLU A 167 -54.11 21.51 -3.83
N LEU A 168 -52.89 22.03 -3.89
CA LEU A 168 -51.72 21.26 -3.46
C LEU A 168 -51.84 20.87 -1.98
N ASN A 169 -52.22 21.84 -1.14
CA ASN A 169 -52.40 21.55 0.28
C ASN A 169 -53.48 20.50 0.48
N SER A 170 -54.57 20.59 -0.28
CA SER A 170 -55.62 19.57 -0.18
C SER A 170 -55.08 18.20 -0.55
N ALA A 171 -54.25 18.12 -1.58
CA ALA A 171 -53.67 16.83 -1.96
C ALA A 171 -52.80 16.27 -0.84
N LEU A 172 -51.97 17.12 -0.22
CA LEU A 172 -51.15 16.67 0.89
C LEU A 172 -52.02 16.21 2.06
N HIS A 173 -53.09 16.94 2.36
CA HIS A 173 -53.96 16.56 3.47
C HIS A 173 -54.58 15.20 3.26
N GLN A 174 -55.05 14.92 2.04
CA GLN A 174 -55.61 13.59 1.76
C GLN A 174 -54.57 12.50 1.93
N ALA A 175 -53.29 12.82 1.72
CA ALA A 175 -52.21 11.88 1.92
C ALA A 175 -51.67 11.90 3.33
N ASP A 176 -52.39 12.51 4.27
CA ASP A 176 -51.97 12.62 5.67
C ASP A 176 -50.53 13.10 5.79
N LEU A 177 -50.18 14.08 4.95
CA LEU A 177 -48.87 14.71 4.96
C LEU A 177 -49.01 16.17 5.33
N ILE A 178 -48.11 16.66 6.18
CA ILE A 178 -48.21 18.00 6.74
C ILE A 178 -46.86 18.71 6.61
N ASP A 179 -46.91 20.03 6.62
CA ASP A 179 -45.69 20.85 6.60
C ASP A 179 -45.05 20.81 7.98
N ILE A 180 -43.97 20.06 8.11
CA ILE A 180 -43.37 19.82 9.42
C ILE A 180 -42.88 21.14 10.03
N TYR A 181 -42.22 21.98 9.22
CA TYR A 181 -41.70 23.23 9.75
C TYR A 181 -42.82 24.09 10.31
N ARG A 182 -43.91 24.23 9.54
CA ARG A 182 -45.05 25.00 10.03
C ARG A 182 -45.66 24.34 11.25
N THR A 183 -45.73 23.01 11.25
CA THR A 183 -46.26 22.30 12.41
C THR A 183 -45.41 22.54 13.66
N LEU A 184 -44.08 22.37 13.53
CA LEU A 184 -43.19 22.57 14.67
C LEU A 184 -42.93 24.04 14.96
N HIS A 185 -43.09 24.91 13.97
CA HIS A 185 -42.96 26.36 14.16
C HIS A 185 -44.16 27.06 13.55
N PRO A 186 -45.33 26.97 14.19
CA PRO A 186 -46.52 27.62 13.62
C PRO A 186 -46.36 29.12 13.38
N LYS A 187 -45.68 29.83 14.29
CA LYS A 187 -45.57 31.28 14.21
C LYS A 187 -44.26 31.75 13.59
N SER A 188 -43.39 30.84 13.17
CA SER A 188 -42.12 31.25 12.58
C SER A 188 -42.34 31.74 11.15
N THR A 189 -41.79 32.91 10.84
CA THR A 189 -41.89 33.50 9.52
C THR A 189 -40.54 33.50 8.80
N GLU A 190 -39.68 32.54 9.14
CA GLU A 190 -38.36 32.47 8.53
C GLU A 190 -38.47 32.10 7.07
N TYR A 191 -37.48 32.53 6.28
CA TYR A 191 -37.46 32.31 4.85
C TYR A 191 -36.09 31.77 4.46
N THR A 192 -36.06 31.09 3.31
CA THR A 192 -34.86 30.40 2.84
C THR A 192 -34.17 31.09 1.68
N PHE A 193 -34.90 31.72 0.78
CA PHE A 193 -34.32 32.33 -0.41
C PHE A 193 -34.71 33.80 -0.49
N PHE A 194 -33.73 34.63 -0.85
CA PHE A 194 -33.93 36.05 -1.05
C PHE A 194 -33.93 36.34 -2.55
N SER A 195 -35.01 36.95 -3.04
CA SER A 195 -35.14 37.26 -4.46
C SER A 195 -34.59 38.65 -4.73
N ALA A 196 -33.42 38.72 -5.35
CA ALA A 196 -32.83 40.02 -5.67
C ALA A 196 -33.73 40.85 -6.59
N PRO A 197 -34.29 40.30 -7.67
CA PRO A 197 -35.16 41.12 -8.53
C PRO A 197 -36.34 41.71 -7.78
N HIS A 198 -36.92 40.98 -6.84
CA HIS A 198 -38.09 41.44 -6.09
C HIS A 198 -37.73 41.96 -4.70
N HIS A 199 -36.52 41.71 -4.22
CA HIS A 199 -36.12 42.11 -2.87
C HIS A 199 -37.04 41.50 -1.82
N THR A 200 -37.43 40.24 -2.04
CA THR A 200 -38.37 39.55 -1.16
C THR A 200 -37.77 38.23 -0.69
N TYR A 201 -37.97 37.94 0.59
CA TYR A 201 -37.63 36.63 1.15
C TYR A 201 -38.85 35.72 1.06
N SER A 202 -38.60 34.43 0.83
CA SER A 202 -39.70 33.48 0.73
C SER A 202 -39.20 32.09 1.07
N LYS A 203 -40.04 31.33 1.78
CA LYS A 203 -39.78 29.94 2.12
C LYS A 203 -40.48 29.06 1.09
N ILE A 204 -39.72 28.56 0.12
CA ILE A 204 -40.26 27.74 -0.95
C ILE A 204 -39.80 26.29 -0.88
N ASP A 205 -38.79 25.98 -0.07
CA ASP A 205 -38.37 24.61 0.18
C ASP A 205 -38.93 24.18 1.54
N HIS A 206 -39.54 23.00 1.57
CA HIS A 206 -40.28 22.57 2.76
C HIS A 206 -39.94 21.13 3.10
N ILE A 207 -40.10 20.79 4.38
CA ILE A 207 -40.02 19.42 4.85
C ILE A 207 -41.43 18.97 5.16
N VAL A 208 -41.89 17.95 4.43
CA VAL A 208 -43.26 17.45 4.54
C VAL A 208 -43.20 15.97 4.89
N GLY A 209 -43.94 15.59 5.93
CA GLY A 209 -44.01 14.20 6.34
C GLY A 209 -45.33 13.94 7.04
N SER A 210 -45.60 12.66 7.30
CA SER A 210 -46.84 12.28 7.94
C SER A 210 -46.88 12.79 9.39
N LYS A 211 -48.10 13.05 9.87
CA LYS A 211 -48.27 13.53 11.24
C LYS A 211 -47.75 12.51 12.25
N ALA A 212 -47.83 11.21 11.93
CA ALA A 212 -47.32 10.19 12.84
C ALA A 212 -45.84 10.41 13.15
N LEU A 213 -45.09 10.95 12.19
CA LEU A 213 -43.67 11.20 12.42
C LEU A 213 -43.43 12.36 13.38
N LEU A 214 -44.44 13.19 13.63
CA LEU A 214 -44.25 14.32 14.53
C LEU A 214 -43.88 13.85 15.93
N SER A 215 -44.49 12.75 16.39
CA SER A 215 -44.12 12.19 17.68
C SER A 215 -42.63 11.86 17.72
N LYS A 216 -42.11 11.36 16.61
CA LYS A 216 -40.65 11.11 16.56
C LYS A 216 -39.93 12.44 16.38
N CYS A 217 -40.52 13.43 15.74
CA CYS A 217 -39.81 14.65 15.39
C CYS A 217 -39.29 15.35 16.64
N LYS A 218 -38.07 15.85 16.55
CA LYS A 218 -37.44 16.58 17.65
C LYS A 218 -37.48 18.08 17.44
N ARG A 219 -36.94 18.57 16.33
CA ARG A 219 -36.74 19.99 16.12
C ARG A 219 -36.45 20.23 14.64
N THR A 220 -36.98 21.33 14.11
CA THR A 220 -36.70 21.75 12.75
C THR A 220 -36.37 23.23 12.75
N GLU A 221 -35.49 23.63 11.83
CA GLU A 221 -35.03 25.01 11.77
C GLU A 221 -34.52 25.31 10.38
N ILE A 222 -34.66 26.58 9.98
CA ILE A 222 -34.11 27.09 8.73
C ILE A 222 -32.79 27.76 9.05
N ILE A 223 -31.73 27.31 8.40
CA ILE A 223 -30.38 27.81 8.65
C ILE A 223 -29.98 28.65 7.44
N THR A 224 -30.04 29.97 7.60
CA THR A 224 -29.57 30.85 6.55
C THR A 224 -28.07 30.65 6.34
N ASN A 225 -27.65 30.51 5.09
CA ASN A 225 -26.26 30.27 4.76
C ASN A 225 -25.88 31.05 3.52
N TYR A 226 -24.60 31.43 3.44
CA TYR A 226 -24.06 32.13 2.29
C TYR A 226 -23.53 31.18 1.22
N LEU A 227 -23.45 29.88 1.50
CA LEU A 227 -22.99 28.93 0.51
C LEU A 227 -23.96 28.80 -0.65
N SER A 228 -25.23 29.14 -0.45
CA SER A 228 -26.22 29.11 -1.51
C SER A 228 -27.24 30.20 -1.26
N ASP A 229 -27.92 30.61 -2.34
CA ASP A 229 -28.97 31.61 -2.19
C ASP A 229 -30.10 31.10 -1.31
N HIS A 230 -30.37 29.80 -1.35
CA HIS A 230 -31.44 29.19 -0.57
C HIS A 230 -30.88 28.68 0.76
N SER A 231 -31.68 28.82 1.81
CA SER A 231 -31.31 28.30 3.12
C SER A 231 -31.81 26.86 3.26
N ALA A 232 -31.07 26.07 4.02
CA ALA A 232 -31.44 24.69 4.27
C ALA A 232 -32.38 24.59 5.46
N ILE A 233 -33.24 23.57 5.44
CA ILE A 233 -34.13 23.26 6.54
C ILE A 233 -33.60 22.01 7.22
N LYS A 234 -33.32 22.11 8.52
CA LYS A 234 -32.64 21.08 9.28
C LYS A 234 -33.61 20.53 10.31
N LEU A 235 -34.07 19.30 10.10
CA LEU A 235 -35.05 18.65 10.96
C LEU A 235 -34.40 17.52 11.74
N GLU A 236 -34.59 17.52 13.05
CA GLU A 236 -34.14 16.44 13.93
C GLU A 236 -35.33 15.58 14.32
N LEU A 237 -35.20 14.27 14.16
CA LEU A 237 -36.27 13.33 14.46
C LEU A 237 -35.83 12.39 15.56
N ARG A 238 -36.51 12.45 16.70
CA ARG A 238 -36.19 11.59 17.83
C ARG A 238 -36.34 10.12 17.45
N ILE A 239 -35.36 9.32 17.84
CA ILE A 239 -35.45 7.86 17.75
C ILE A 239 -35.24 7.31 19.15
N LYS A 240 -35.80 6.12 19.39
CA LYS A 240 -35.50 5.40 20.62
C LYS A 240 -34.00 5.21 20.74
N ASN A 241 -33.47 5.53 21.93
CA ASN A 241 -32.04 5.44 22.18
C ASN A 241 -31.53 4.00 22.02
N SER A 247 -19.82 7.03 22.48
CA SER A 247 -18.77 7.78 21.83
C SER A 247 -17.84 6.84 21.06
N THR A 248 -17.34 7.30 19.92
CA THR A 248 -16.35 6.54 19.18
C THR A 248 -14.96 6.80 19.74
N THR A 249 -14.04 5.90 19.41
CA THR A 249 -12.68 6.01 19.91
C THR A 249 -11.98 7.21 19.29
N TRP A 250 -11.28 7.97 20.11
CA TRP A 250 -10.46 9.07 19.62
C TRP A 250 -9.15 8.53 19.08
N LYS A 251 -8.83 8.89 17.84
CA LYS A 251 -7.60 8.45 17.19
C LYS A 251 -6.81 9.68 16.75
N LEU A 252 -5.57 9.77 17.20
CA LEU A 252 -4.73 10.91 16.88
C LEU A 252 -4.55 11.04 15.38
N ASN A 253 -4.50 12.27 14.90
CA ASN A 253 -4.32 12.56 13.48
C ASN A 253 -2.88 13.01 13.25
N ASN A 254 -2.22 12.40 12.26
CA ASN A 254 -0.83 12.74 11.99
C ASN A 254 -0.70 14.20 11.61
N LEU A 255 -1.59 14.71 10.76
CA LEU A 255 -1.49 16.09 10.32
C LEU A 255 -1.44 17.05 11.49
N LEU A 256 -2.14 16.73 12.57
CA LEU A 256 -2.15 17.60 13.75
C LEU A 256 -0.74 17.87 14.23
N LEU A 257 0.14 16.86 14.18
CA LEU A 257 1.49 17.00 14.68
C LEU A 257 2.35 17.94 13.85
N ASN A 258 1.88 18.36 12.67
CA ASN A 258 2.71 19.14 11.76
C ASN A 258 2.79 20.61 12.14
N ASP A 259 1.97 21.09 13.07
CA ASP A 259 2.00 22.49 13.45
C ASP A 259 3.01 22.70 14.58
N TYR A 260 3.72 23.83 14.51
CA TYR A 260 4.77 24.10 15.50
C TYR A 260 4.19 24.43 16.86
N TRP A 261 3.14 25.25 16.90
CA TRP A 261 2.55 25.64 18.17
C TRP A 261 2.09 24.41 18.96
N VAL A 262 1.35 23.51 18.32
CA VAL A 262 0.84 22.34 19.02
C VAL A 262 1.99 21.44 19.45
N HIS A 263 3.02 21.34 18.61
CA HIS A 263 4.17 20.50 18.96
C HIS A 263 4.87 21.02 20.21
N ASN A 264 5.11 22.33 20.27
CA ASN A 264 5.73 22.91 21.46
C ASN A 264 4.82 22.74 22.68
N GLU A 265 3.52 22.93 22.49
CA GLU A 265 2.60 22.76 23.61
C GLU A 265 2.62 21.34 24.13
N MET A 266 2.69 20.36 23.23
CA MET A 266 2.74 18.96 23.66
C MET A 266 4.05 18.67 24.38
N LYS A 267 5.17 19.19 23.88
CA LYS A 267 6.43 19.05 24.61
C LYS A 267 6.28 19.57 26.03
N ALA A 268 5.75 20.78 26.16
CA ALA A 268 5.61 21.39 27.48
C ALA A 268 4.67 20.58 28.36
N GLU A 269 3.58 20.08 27.80
CA GLU A 269 2.63 19.30 28.58
C GLU A 269 3.25 18.01 29.07
N ILE A 270 4.01 17.33 28.21
CA ILE A 270 4.68 16.10 28.61
C ILE A 270 5.66 16.41 29.74
N LYS A 271 6.47 17.45 29.57
CA LYS A 271 7.48 17.77 30.57
C LYS A 271 6.85 18.13 31.91
N MET A 272 5.80 18.96 31.89
CA MET A 272 5.16 19.36 33.13
C MET A 272 4.45 18.19 33.79
N PHE A 273 3.87 17.29 33.00
CA PHE A 273 3.26 16.10 33.57
C PHE A 273 4.30 15.26 34.30
N PHE A 274 5.38 14.92 33.61
CA PHE A 274 6.39 14.05 34.22
C PHE A 274 7.20 14.76 35.29
N GLU A 275 7.09 16.08 35.40
CA GLU A 275 7.69 16.81 36.52
C GLU A 275 6.73 16.95 37.69
N THR A 276 5.43 16.86 37.45
CA THR A 276 4.40 17.06 38.47
C THR A 276 3.83 15.76 39.00
N ASN A 277 3.39 14.87 38.11
CA ASN A 277 2.71 13.66 38.51
C ASN A 277 3.65 12.54 38.92
N GLU A 278 4.96 12.73 38.82
CA GLU A 278 5.91 11.71 39.25
C GLU A 278 6.05 11.75 40.76
N ASN A 279 5.97 10.58 41.39
CA ASN A 279 6.19 10.46 42.83
C ASN A 279 6.23 8.98 43.18
N LYS A 280 6.50 8.69 44.46
CA LYS A 280 6.68 7.33 44.90
C LYS A 280 5.37 6.56 45.02
N ASP A 281 4.29 7.23 45.41
CA ASP A 281 3.05 6.53 45.75
C ASP A 281 2.45 5.79 44.57
N THR A 282 2.81 6.15 43.33
CA THR A 282 2.26 5.53 42.14
C THR A 282 3.32 4.70 41.43
N THR A 283 2.93 3.51 40.99
CA THR A 283 3.80 2.73 40.12
C THR A 283 3.86 3.38 38.75
N TYR A 284 4.88 3.03 37.98
CA TYR A 284 5.09 3.69 36.70
C TYR A 284 4.11 3.23 35.63
N GLN A 285 3.50 2.05 35.78
CA GLN A 285 2.52 1.60 34.81
C GLN A 285 1.25 2.44 34.88
N ASN A 286 0.69 2.60 36.07
CA ASN A 286 -0.49 3.43 36.24
C ASN A 286 -0.18 4.89 35.94
N LEU A 287 1.03 5.34 36.29
CA LEU A 287 1.43 6.69 35.93
C LEU A 287 1.47 6.86 34.43
N TRP A 288 1.97 5.85 33.71
CA TRP A 288 2.00 5.92 32.26
C TRP A 288 0.60 5.96 31.68
N ASP A 289 -0.31 5.16 32.23
CA ASP A 289 -1.69 5.19 31.75
C ASP A 289 -2.32 6.56 32.01
N ALA A 290 -2.04 7.14 33.17
CA ALA A 290 -2.54 8.48 33.47
C ALA A 290 -1.96 9.50 32.51
N PHE A 291 -0.67 9.37 32.17
CA PHE A 291 -0.08 10.24 31.17
C PHE A 291 -0.76 10.07 29.82
N LYS A 292 -1.08 8.83 29.46
CA LYS A 292 -1.79 8.58 28.22
C LYS A 292 -3.13 9.31 28.21
N ALA A 293 -3.87 9.19 29.30
CA ALA A 293 -5.18 9.85 29.37
C ALA A 293 -5.04 11.37 29.31
N VAL A 294 -4.08 11.91 30.06
CA VAL A 294 -3.89 13.36 30.08
C VAL A 294 -3.49 13.86 28.70
N CYS A 295 -2.59 13.14 28.03
CA CYS A 295 -2.18 13.53 26.70
C CYS A 295 -3.33 13.41 25.71
N ARG A 296 -4.18 12.40 25.89
CA ARG A 296 -5.38 12.28 25.05
C ARG A 296 -6.26 13.51 25.19
N GLY A 297 -6.60 13.87 26.43
CA GLY A 297 -7.42 15.04 26.66
C GLY A 297 -6.77 16.30 26.14
N LYS A 298 -5.46 16.43 26.35
CA LYS A 298 -4.74 17.61 25.87
C LYS A 298 -4.77 17.70 24.36
N PHE A 299 -4.60 16.56 23.68
CA PHE A 299 -4.66 16.56 22.22
C PHE A 299 -6.03 16.95 21.74
N ILE A 300 -7.09 16.45 22.39
CA ILE A 300 -8.44 16.84 22.00
C ILE A 300 -8.62 18.34 22.16
N ALA A 301 -8.23 18.87 23.32
CA ALA A 301 -8.41 20.29 23.60
C ALA A 301 -7.61 21.14 22.62
N LEU A 302 -6.36 20.77 22.34
CA LEU A 302 -5.53 21.55 21.44
C LEU A 302 -5.97 21.41 20.00
N ASN A 303 -6.56 20.28 19.63
CA ASN A 303 -7.18 20.18 18.31
C ASN A 303 -8.34 21.15 18.20
N ALA A 304 -9.16 21.23 19.24
CA ALA A 304 -10.25 22.20 19.24
C ALA A 304 -9.71 23.62 19.12
N HIS A 305 -8.65 23.93 19.88
CA HIS A 305 -8.06 25.26 19.84
C HIS A 305 -7.47 25.56 18.46
N LYS A 306 -6.83 24.56 17.85
CA LYS A 306 -6.26 24.74 16.51
C LYS A 306 -7.36 24.98 15.48
N ARG A 307 -8.46 24.25 15.58
CA ARG A 307 -9.57 24.48 14.67
C ARG A 307 -10.14 25.89 14.87
N LYS A 308 -10.24 26.32 16.13
CA LYS A 308 -10.71 27.67 16.42
C LYS A 308 -9.80 28.71 15.78
N GLN A 309 -8.49 28.60 16.04
CA GLN A 309 -7.55 29.61 15.54
C GLN A 309 -7.47 29.60 14.02
N GLU A 310 -7.47 28.42 13.42
CA GLU A 310 -7.27 28.32 11.98
C GLU A 310 -8.36 29.07 11.22
N ARG A 311 -9.60 28.93 11.65
CA ARG A 311 -10.72 29.64 11.06
C ARG A 311 -11.21 30.78 11.96
N SER A 312 -10.30 31.35 12.76
CA SER A 312 -10.68 32.45 13.64
C SER A 312 -11.19 33.64 12.84
N LYS A 313 -10.56 33.93 11.70
CA LYS A 313 -11.06 34.99 10.84
C LYS A 313 -12.48 34.69 10.37
N ILE A 314 -12.71 33.45 9.92
CA ILE A 314 -14.05 33.03 9.56
C ILE A 314 -14.99 33.17 10.75
N ASP A 315 -14.50 32.84 11.95
CA ASP A 315 -15.34 32.92 13.14
C ASP A 315 -15.80 34.34 13.40
N THR A 316 -14.85 35.30 13.39
CA THR A 316 -15.23 36.69 13.64
C THR A 316 -16.13 37.22 12.53
N LEU A 317 -15.83 36.88 11.28
CA LEU A 317 -16.65 37.35 10.18
C LEU A 317 -18.07 36.81 10.28
N THR A 318 -18.22 35.53 10.62
CA THR A 318 -19.56 34.95 10.73
C THR A 318 -20.27 35.47 11.97
N SER A 319 -19.54 35.84 13.02
CA SER A 319 -20.18 36.49 14.17
C SER A 319 -20.73 37.85 13.78
N GLN A 320 -19.93 38.64 13.05
CA GLN A 320 -20.42 39.91 12.53
C GLN A 320 -21.63 39.70 11.65
N LEU A 321 -21.59 38.68 10.80
CA LEU A 321 -22.73 38.38 9.92
C LEU A 321 -23.95 37.98 10.74
N LYS A 322 -23.77 37.18 11.78
CA LYS A 322 -24.89 36.78 12.61
C LYS A 322 -25.55 37.98 13.27
N GLU A 323 -24.75 38.87 13.86
CA GLU A 323 -25.32 40.04 14.52
C GLU A 323 -26.01 40.96 13.50
N LEU A 324 -25.35 41.23 12.38
CA LEU A 324 -25.95 42.11 11.38
C LEU A 324 -27.18 41.47 10.74
N GLU A 325 -27.22 40.14 10.66
CA GLU A 325 -28.38 39.47 10.08
C GLU A 325 -29.55 39.47 11.05
N LYS A 326 -29.29 39.32 12.35
CA LYS A 326 -30.34 39.52 13.33
C LYS A 326 -30.88 40.94 13.25
N GLN A 327 -29.98 41.92 13.11
CA GLN A 327 -30.41 43.30 12.96
C GLN A 327 -31.27 43.48 11.70
N GLU A 328 -30.85 42.86 10.60
CA GLU A 328 -31.61 42.92 9.35
C GLU A 328 -32.99 42.32 9.54
N GLN A 329 -33.06 41.17 10.21
CA GLN A 329 -34.35 40.51 10.43
C GLN A 329 -35.27 41.39 11.25
N THR A 330 -34.77 41.97 12.34
CA THR A 330 -35.61 42.89 13.12
C THR A 330 -35.89 44.17 12.35
N HIS A 331 -34.96 44.60 11.50
CA HIS A 331 -35.19 45.74 10.62
C HIS A 331 -34.15 45.72 9.52
N SER A 332 -34.60 45.77 8.27
CA SER A 332 -33.72 45.68 7.11
C SER A 332 -33.47 47.08 6.55
N LYS A 333 -32.20 47.38 6.27
CA LYS A 333 -31.80 48.70 5.81
C LYS A 333 -30.90 48.57 4.58
N ALA A 334 -31.03 49.52 3.66
CA ALA A 334 -30.32 49.42 2.39
C ALA A 334 -28.81 49.41 2.61
N SER A 335 -28.30 50.32 3.43
CA SER A 335 -26.88 50.30 3.76
C SER A 335 -26.51 49.01 4.48
N ARG A 336 -27.40 48.54 5.36
CA ARG A 336 -27.18 47.24 5.97
C ARG A 336 -27.16 46.13 4.93
N ARG A 337 -28.04 46.24 3.92
CA ARG A 337 -28.03 45.25 2.85
C ARG A 337 -26.68 45.23 2.14
N GLN A 338 -26.17 46.40 1.77
CA GLN A 338 -24.93 46.45 1.00
C GLN A 338 -23.74 46.00 1.85
N GLU A 339 -23.72 46.38 3.13
CA GLU A 339 -22.65 45.91 4.00
C GLU A 339 -22.72 44.40 4.18
N ILE A 340 -23.93 43.86 4.33
CA ILE A 340 -24.08 42.41 4.42
C ILE A 340 -23.56 41.74 3.17
N THR A 341 -23.88 42.30 2.00
CA THR A 341 -23.41 41.72 0.75
C THR A 341 -21.88 41.75 0.68
N LYS A 342 -21.28 42.88 1.06
CA LYS A 342 -19.82 42.98 1.03
C LYS A 342 -19.18 41.96 1.95
N ILE A 343 -19.69 41.84 3.18
CA ILE A 343 -19.07 40.93 4.13
C ILE A 343 -19.34 39.48 3.71
N ARG A 344 -20.49 39.20 3.10
CA ARG A 344 -20.73 37.87 2.56
C ARG A 344 -19.73 37.53 1.47
N ALA A 345 -19.42 38.50 0.61
CA ALA A 345 -18.37 38.28 -0.39
C ALA A 345 -17.03 38.03 0.29
N GLU A 346 -16.75 38.74 1.37
CA GLU A 346 -15.52 38.49 2.11
C GLU A 346 -15.49 37.07 2.67
N LEU A 347 -16.60 36.61 3.24
CA LEU A 347 -16.65 35.24 3.73
C LEU A 347 -16.44 34.26 2.59
N LYS A 348 -17.04 34.52 1.43
CA LYS A 348 -16.87 33.64 0.29
C LYS A 348 -15.41 33.59 -0.14
N GLU A 349 -14.74 34.74 -0.19
CA GLU A 349 -13.35 34.75 -0.62
C GLU A 349 -12.47 34.02 0.40
N ILE A 350 -12.75 34.18 1.69
CA ILE A 350 -11.93 33.50 2.70
C ILE A 350 -12.12 32.00 2.60
N GLU A 351 -13.37 31.55 2.47
CA GLU A 351 -13.61 30.11 2.37
C GLU A 351 -13.05 29.55 1.08
N THR A 352 -13.10 30.31 -0.01
CA THR A 352 -12.47 29.87 -1.24
C THR A 352 -10.97 29.77 -1.07
N GLN A 353 -10.38 30.73 -0.35
CA GLN A 353 -8.94 30.66 -0.05
C GLN A 353 -8.61 29.36 0.67
N LYS A 354 -9.35 29.05 1.73
CA LYS A 354 -9.02 27.86 2.52
C LYS A 354 -9.27 26.58 1.72
N THR A 355 -10.35 26.54 0.94
CA THR A 355 -10.64 25.34 0.15
C THR A 355 -9.64 25.16 -0.98
N LEU A 356 -9.22 26.26 -1.62
CA LEU A 356 -8.15 26.15 -2.60
C LEU A 356 -6.87 25.66 -1.95
N GLN A 357 -6.56 26.16 -0.75
CA GLN A 357 -5.40 25.65 -0.02
C GLN A 357 -5.49 24.14 0.14
N LYS A 358 -6.63 23.65 0.64
CA LYS A 358 -6.76 22.23 0.91
C LYS A 358 -6.67 21.41 -0.38
N ILE A 359 -7.44 21.80 -1.39
CA ILE A 359 -7.51 21.02 -2.62
C ILE A 359 -6.16 21.05 -3.35
N ASN A 360 -5.48 22.20 -3.35
CA ASN A 360 -4.19 22.29 -4.01
C ASN A 360 -3.12 21.54 -3.23
N GLU A 361 -3.23 21.48 -1.89
CA GLU A 361 -2.33 20.63 -1.14
C GLU A 361 -2.51 19.17 -1.54
N SER A 362 -3.76 18.73 -1.67
CA SER A 362 -4.01 17.36 -2.13
C SER A 362 -3.47 17.16 -3.54
N ARG A 363 -3.73 18.10 -4.44
CA ARG A 363 -3.28 17.95 -5.82
C ARG A 363 -1.76 17.94 -5.90
N SER A 364 -1.10 18.72 -5.05
CA SER A 364 0.36 18.67 -4.98
C SER A 364 0.84 17.32 -4.48
N TRP A 365 0.15 16.75 -3.50
CA TRP A 365 0.54 15.43 -3.04
C TRP A 365 0.43 14.39 -4.15
N PHE A 366 -0.66 14.44 -4.91
CA PHE A 366 -0.78 13.53 -6.05
C PHE A 366 0.29 13.81 -7.10
N PHE A 367 0.57 15.09 -7.34
CA PHE A 367 1.54 15.48 -8.35
C PHE A 367 2.93 14.98 -8.00
N GLU A 368 3.29 14.99 -6.72
CA GLU A 368 4.58 14.45 -6.30
C GLU A 368 4.62 12.93 -6.44
N ARG A 369 3.47 12.28 -6.54
CA ARG A 369 3.39 10.82 -6.65
C ARG A 369 2.52 10.41 -7.83
N ILE A 370 2.47 11.23 -8.86
CA ILE A 370 1.45 11.04 -9.90
C ILE A 370 1.63 9.68 -10.57
N ASN A 371 2.85 9.30 -10.89
CA ASN A 371 3.10 8.04 -11.58
C ASN A 371 4.11 7.15 -10.88
N LYS A 372 4.69 7.60 -9.76
CA LYS A 372 5.62 6.76 -9.04
C LYS A 372 4.93 5.48 -8.57
N ILE A 373 5.74 4.52 -8.16
CA ILE A 373 5.24 3.30 -7.55
C ILE A 373 4.96 3.60 -6.09
N ASP A 374 3.74 4.07 -5.81
CA ASP A 374 3.40 4.60 -4.51
C ASP A 374 1.92 4.36 -4.26
N ARG A 375 1.40 4.93 -3.17
CA ARG A 375 0.02 4.65 -2.77
C ARG A 375 -0.98 5.03 -3.85
N PRO A 376 -0.91 6.20 -4.48
CA PRO A 376 -1.90 6.51 -5.53
C PRO A 376 -1.95 5.47 -6.62
N LEU A 377 -0.80 5.02 -7.11
CA LEU A 377 -0.79 4.02 -8.18
C LEU A 377 -1.24 2.67 -7.66
N ALA A 378 -0.80 2.29 -6.45
CA ALA A 378 -1.17 1.00 -5.90
C ALA A 378 -2.67 0.90 -5.70
N ARG A 379 -3.33 2.00 -5.32
CA ARG A 379 -4.76 1.98 -5.11
C ARG A 379 -5.55 2.34 -6.36
N LEU A 380 -4.89 2.88 -7.39
CA LEU A 380 -5.52 2.97 -8.70
C LEU A 380 -5.61 1.59 -9.33
N ILE A 381 -4.52 0.83 -9.28
CA ILE A 381 -4.50 -0.47 -9.93
C ILE A 381 -5.48 -1.42 -9.24
N LYS A 382 -5.49 -1.41 -7.91
CA LYS A 382 -6.38 -2.29 -7.17
C LYS A 382 -7.82 -1.88 -7.39
N LYS A 383 -8.68 -2.88 -7.60
CA LYS A 383 -10.10 -2.63 -7.78
C LYS A 383 -10.65 -1.86 -6.57
N LYS A 384 -11.83 -1.27 -6.71
CA LYS A 384 -12.41 -0.57 -5.59
C LYS A 384 -12.55 -1.52 -4.40
N ARG A 385 -12.10 -1.07 -3.23
CA ARG A 385 -12.03 -1.96 -2.08
C ARG A 385 -13.39 -2.56 -1.78
N GLU A 386 -13.42 -3.89 -1.68
CA GLU A 386 -14.65 -4.57 -1.28
C GLU A 386 -15.01 -4.17 0.15
N LYS A 387 -16.28 -3.83 0.35
CA LYS A 387 -16.72 -3.23 1.60
C LYS A 387 -16.60 -4.24 2.73
N ASN A 388 -15.57 -4.07 3.56
CA ASN A 388 -15.38 -4.93 4.72
C ASN A 388 -16.48 -4.74 5.76
N GLN A 389 -17.27 -3.68 5.65
CA GLN A 389 -18.36 -3.42 6.59
C GLN A 389 -19.42 -4.50 6.40
N ILE A 390 -19.44 -5.48 7.29
CA ILE A 390 -20.36 -6.60 7.14
C ILE A 390 -21.75 -6.18 7.58
N ASP A 391 -22.76 -6.71 6.89
CA ASP A 391 -24.15 -6.41 7.21
C ASP A 391 -25.05 -7.62 7.27
N THR A 392 -24.63 -8.78 6.77
CA THR A 392 -25.43 -9.99 6.86
C THR A 392 -24.49 -11.18 6.74
N ILE A 393 -24.65 -12.16 7.63
CA ILE A 393 -23.78 -13.33 7.67
C ILE A 393 -24.63 -14.56 7.92
N LYS A 394 -24.35 -15.63 7.18
CA LYS A 394 -25.06 -16.88 7.43
C LYS A 394 -24.86 -17.24 8.90
N ASN A 395 -25.94 -17.18 9.68
CA ASN A 395 -25.83 -17.35 11.12
C ASN A 395 -25.50 -18.80 11.45
N ASP A 396 -25.47 -19.09 12.75
CA ASP A 396 -25.07 -20.41 13.21
C ASP A 396 -25.93 -21.50 12.59
N LYS A 397 -27.26 -21.39 12.69
CA LYS A 397 -28.10 -22.50 12.26
C LYS A 397 -28.35 -22.48 10.74
N GLY A 398 -29.18 -21.54 10.27
CA GLY A 398 -29.40 -21.41 8.85
C GLY A 398 -29.73 -20.03 8.34
N ASP A 399 -29.83 -19.05 9.23
CA ASP A 399 -30.41 -17.75 8.88
C ASP A 399 -29.32 -16.81 8.37
N ILE A 400 -29.65 -16.08 7.30
CA ILE A 400 -28.72 -15.09 6.77
C ILE A 400 -28.61 -13.90 7.74
N THR A 401 -29.73 -13.46 8.28
CA THR A 401 -29.75 -12.44 9.32
C THR A 401 -29.31 -11.08 8.79
N THR A 402 -29.95 -10.01 9.27
CA THR A 402 -29.51 -8.66 8.94
C THR A 402 -29.56 -7.71 10.13
N ASP A 403 -30.21 -8.06 11.24
CA ASP A 403 -30.36 -7.14 12.35
C ASP A 403 -28.98 -6.77 12.91
N PRO A 404 -28.62 -5.49 12.97
CA PRO A 404 -27.28 -5.15 13.44
C PRO A 404 -26.96 -5.70 14.81
N THR A 405 -27.90 -5.64 15.76
CA THR A 405 -27.61 -6.09 17.11
C THR A 405 -27.47 -7.61 17.16
N GLU A 406 -28.31 -8.33 16.42
CA GLU A 406 -28.21 -9.78 16.43
C GLU A 406 -26.95 -10.24 15.71
N ILE A 407 -26.57 -9.57 14.62
CA ILE A 407 -25.34 -9.93 13.93
C ILE A 407 -24.13 -9.63 14.81
N GLN A 408 -24.16 -8.50 15.53
CA GLN A 408 -23.09 -8.19 16.46
C GLN A 408 -23.01 -9.23 17.56
N THR A 409 -24.16 -9.66 18.09
CA THR A 409 -24.16 -10.70 19.11
C THR A 409 -23.58 -11.99 18.56
N THR A 410 -23.95 -12.35 17.33
CA THR A 410 -23.42 -13.58 16.73
C THR A 410 -21.90 -13.51 16.62
N ILE A 411 -21.38 -12.43 16.05
CA ILE A 411 -19.94 -12.30 15.88
C ILE A 411 -19.24 -12.29 17.23
N ARG A 412 -19.73 -11.49 18.16
CA ARG A 412 -19.07 -11.36 19.45
C ARG A 412 -19.06 -12.68 20.20
N GLU A 413 -20.18 -13.39 20.22
CA GLU A 413 -20.23 -14.68 20.89
C GLU A 413 -19.32 -15.69 20.19
N TYR A 414 -19.30 -15.66 18.85
CA TYR A 414 -18.44 -16.57 18.11
C TYR A 414 -16.99 -16.40 18.52
N TYR A 415 -16.50 -15.17 18.52
CA TYR A 415 -15.09 -14.97 18.85
C TYR A 415 -14.84 -15.14 20.34
N LYS A 416 -15.79 -14.79 21.19
CA LYS A 416 -15.63 -15.00 22.62
C LYS A 416 -15.47 -16.48 22.93
N HIS A 417 -16.29 -17.32 22.30
CA HIS A 417 -16.13 -18.76 22.48
C HIS A 417 -14.84 -19.25 21.83
N LEU A 418 -14.44 -18.65 20.71
CA LEU A 418 -13.22 -19.06 20.05
C LEU A 418 -12.01 -18.86 20.96
N TYR A 419 -11.95 -17.73 21.65
CA TYR A 419 -10.79 -17.38 22.46
C TYR A 419 -10.92 -17.78 23.93
N ALA A 420 -12.05 -18.33 24.35
CA ALA A 420 -12.26 -18.68 25.76
C ALA A 420 -12.07 -20.18 25.94
N ASN A 421 -10.80 -20.60 25.95
CA ASN A 421 -10.47 -21.99 26.24
C ASN A 421 -8.99 -22.15 26.58
N LYS A 422 -8.67 -22.55 27.80
CA LYS A 422 -7.29 -22.75 28.20
C LYS A 422 -6.91 -24.21 28.41
N LEU A 423 -7.87 -25.11 28.57
CA LEU A 423 -7.58 -26.53 28.77
C LEU A 423 -6.47 -26.73 29.78
N GLU A 424 -6.72 -26.35 31.04
CA GLU A 424 -5.66 -26.38 32.04
C GLU A 424 -5.32 -27.82 32.40
N ASN A 425 -4.38 -28.41 31.67
CA ASN A 425 -3.92 -29.78 31.87
C ASN A 425 -2.40 -29.81 31.85
N LEU A 426 -1.79 -28.97 32.70
CA LEU A 426 -0.36 -28.74 32.64
C LEU A 426 0.44 -30.03 32.72
N GLU A 427 -0.08 -31.05 33.40
CA GLU A 427 0.67 -32.30 33.51
C GLU A 427 0.85 -32.95 32.14
N GLU A 428 -0.20 -32.91 31.32
CA GLU A 428 -0.09 -33.48 29.97
C GLU A 428 0.89 -32.68 29.13
N MET A 429 0.90 -31.36 29.28
CA MET A 429 1.87 -30.54 28.56
C MET A 429 3.29 -30.88 28.99
N ASP A 430 3.52 -31.06 30.29
CA ASP A 430 4.84 -31.48 30.77
C ASP A 430 5.23 -32.80 30.15
N LYS A 431 4.30 -33.76 30.14
CA LYS A 431 4.62 -35.07 29.58
C LYS A 431 4.98 -34.96 28.12
N PHE A 432 4.22 -34.17 27.36
CA PHE A 432 4.52 -34.03 25.93
C PHE A 432 5.87 -33.36 25.72
N LEU A 433 6.16 -32.29 26.47
CA LEU A 433 7.39 -31.55 26.26
C LEU A 433 8.60 -32.38 26.65
N ASP A 434 8.49 -33.20 27.69
CA ASP A 434 9.62 -34.02 28.12
C ASP A 434 9.66 -35.35 27.39
N THR A 435 9.38 -35.32 26.09
CA THR A 435 9.43 -36.53 25.26
C THR A 435 10.17 -36.34 23.95
N TYR A 436 10.45 -35.10 23.53
CA TYR A 436 10.96 -34.81 22.19
C TYR A 436 12.10 -33.80 22.28
N THR A 437 13.12 -34.12 23.07
CA THR A 437 14.14 -33.15 23.48
C THR A 437 14.41 -32.12 22.39
N LEU A 438 14.34 -30.85 22.78
CA LEU A 438 14.30 -29.71 21.87
C LEU A 438 15.33 -28.69 22.32
N PRO A 439 15.79 -27.83 21.42
CA PRO A 439 16.95 -26.99 21.73
C PRO A 439 16.70 -26.07 22.91
N ARG A 440 17.77 -25.78 23.64
CA ARG A 440 17.74 -24.86 24.78
C ARG A 440 18.80 -23.80 24.58
N LEU A 441 18.48 -22.57 25.01
CA LEU A 441 19.43 -21.47 24.92
C LEU A 441 20.49 -21.61 26.01
N ASN A 442 21.75 -21.39 25.64
CA ASN A 442 22.83 -21.45 26.60
C ASN A 442 22.72 -20.31 27.59
N GLN A 443 23.62 -20.29 28.57
CA GLN A 443 23.59 -19.23 29.58
C GLN A 443 23.80 -17.86 28.94
N GLU A 444 24.74 -17.78 27.99
CA GLU A 444 25.03 -16.49 27.36
C GLU A 444 23.80 -15.93 26.65
N GLU A 445 23.09 -16.78 25.92
CA GLU A 445 21.90 -16.31 25.21
C GLU A 445 20.78 -15.98 26.19
N VAL A 446 20.65 -16.76 27.26
CA VAL A 446 19.65 -16.45 28.27
C VAL A 446 19.88 -15.05 28.82
N GLU A 447 21.12 -14.75 29.23
CA GLU A 447 21.41 -13.43 29.76
C GLU A 447 21.31 -12.35 28.68
N SER A 448 21.52 -12.72 27.42
CA SER A 448 21.29 -11.77 26.33
C SER A 448 19.83 -11.39 26.24
N LEU A 449 18.93 -12.35 26.40
CA LEU A 449 17.50 -12.02 26.39
C LEU A 449 17.13 -11.11 27.54
N ASN A 450 17.69 -11.37 28.72
CA ASN A 450 17.33 -10.66 29.94
C ASN A 450 18.16 -9.40 30.16
N ARG A 451 18.90 -8.94 29.17
CA ARG A 451 19.71 -7.74 29.35
C ARG A 451 18.78 -6.54 29.57
N PRO A 452 19.22 -5.55 30.34
CA PRO A 452 18.35 -4.40 30.62
C PRO A 452 17.98 -3.66 29.35
N ILE A 453 16.79 -3.08 29.36
CA ILE A 453 16.36 -2.25 28.24
C ILE A 453 17.22 -1.00 28.19
N THR A 454 17.71 -0.67 27.00
CA THR A 454 18.52 0.51 26.79
C THR A 454 17.76 1.51 25.93
N GLY A 455 17.91 2.79 26.27
CA GLY A 455 17.24 3.82 25.48
C GLY A 455 17.58 3.73 24.01
N SER A 456 18.80 3.27 23.70
CA SER A 456 19.16 3.05 22.30
C SER A 456 18.24 2.02 21.66
N GLU A 457 17.93 0.95 22.39
CA GLU A 457 17.05 -0.08 21.86
C GLU A 457 15.66 0.48 21.59
N ILE A 458 15.09 1.17 22.57
CA ILE A 458 13.75 1.72 22.41
C ILE A 458 13.71 2.70 21.26
N VAL A 459 14.70 3.58 21.17
CA VAL A 459 14.70 4.58 20.11
C VAL A 459 14.88 3.92 18.75
N ALA A 460 15.67 2.85 18.68
CA ALA A 460 15.78 2.11 17.42
C ALA A 460 14.44 1.53 17.02
N ILE A 461 13.70 0.93 17.97
CA ILE A 461 12.39 0.39 17.64
C ILE A 461 11.47 1.50 17.15
N ILE A 462 11.47 2.63 17.85
CA ILE A 462 10.60 3.73 17.46
C ILE A 462 10.93 4.19 16.05
N ASN A 463 12.21 4.34 15.75
CA ASN A 463 12.60 4.79 14.41
C ASN A 463 12.18 3.78 13.35
N SER A 464 12.34 2.49 13.65
CA SER A 464 11.91 1.45 12.73
C SER A 464 10.40 1.22 12.76
N LEU A 465 9.70 1.89 13.66
CA LEU A 465 8.27 1.66 13.80
C LEU A 465 7.55 2.08 12.52
N PRO A 466 6.72 1.23 11.94
CA PRO A 466 6.09 1.57 10.66
C PRO A 466 5.21 2.81 10.79
N THR A 467 5.21 3.62 9.74
CA THR A 467 4.38 4.81 9.67
C THR A 467 3.13 4.54 8.85
N LYS A 468 2.16 5.45 8.95
CA LYS A 468 0.90 5.33 8.24
C LYS A 468 0.19 4.03 8.62
N LYS A 469 0.20 3.73 9.92
CA LYS A 469 -0.44 2.55 10.46
C LYS A 469 -1.53 2.96 11.45
N SER A 470 -2.62 2.21 11.47
CA SER A 470 -3.72 2.56 12.35
C SER A 470 -3.28 2.45 13.80
N PRO A 471 -3.72 3.35 14.68
CA PRO A 471 -3.37 3.23 16.10
C PRO A 471 -4.15 2.13 16.79
N GLY A 472 -3.88 1.91 18.07
CA GLY A 472 -4.59 0.91 18.83
C GLY A 472 -5.82 1.48 19.49
N PRO A 473 -6.28 0.83 20.56
CA PRO A 473 -7.43 1.39 21.31
C PRO A 473 -7.18 2.81 21.76
N ASP A 474 -5.98 3.13 22.22
CA ASP A 474 -5.59 4.52 22.38
C ASP A 474 -5.27 5.12 21.03
N GLY A 475 -5.46 6.42 20.90
CA GLY A 475 -5.36 7.04 19.59
C GLY A 475 -3.95 7.23 19.07
N PHE A 476 -2.93 7.06 19.90
CA PHE A 476 -1.57 7.36 19.47
C PHE A 476 -1.15 6.41 18.36
N THR A 477 -0.50 6.95 17.34
CA THR A 477 -0.39 6.28 16.04
C THR A 477 1.05 6.02 15.60
N ALA A 478 2.00 6.01 16.53
CA ALA A 478 3.38 5.65 16.23
C ALA A 478 4.12 6.73 15.47
N GLU A 479 3.39 7.74 14.98
CA GLU A 479 4.02 8.99 14.60
C GLU A 479 4.20 9.90 15.81
N PHE A 480 3.29 9.78 16.76
CA PHE A 480 3.39 10.54 18.00
C PHE A 480 4.66 10.19 18.74
N TYR A 481 4.97 8.90 18.86
CA TYR A 481 6.18 8.50 19.56
C TYR A 481 7.43 8.98 18.83
N GLN A 482 7.44 8.87 17.50
CA GLN A 482 8.59 9.34 16.74
C GLN A 482 8.80 10.82 16.93
N ARG A 483 7.72 11.61 16.86
CA ARG A 483 7.85 13.05 17.01
C ARG A 483 8.37 13.41 18.40
N TYR A 484 7.70 12.90 19.45
CA TYR A 484 8.12 13.14 20.82
C TYR A 484 9.09 12.09 21.31
N LYS A 485 9.79 11.45 20.38
CA LYS A 485 10.80 10.46 20.71
C LYS A 485 11.82 11.01 21.71
N GLU A 486 12.36 12.20 21.41
CA GLU A 486 13.48 12.71 22.20
C GLU A 486 13.13 12.87 23.67
N GLU A 487 11.86 13.18 23.98
CA GLU A 487 11.44 13.38 25.35
C GLU A 487 10.68 12.20 25.92
N LEU A 488 10.02 11.40 25.08
CA LEU A 488 9.31 10.22 25.57
C LEU A 488 10.25 9.08 25.92
N VAL A 489 11.31 8.90 25.14
CA VAL A 489 12.17 7.72 25.25
C VAL A 489 12.63 7.55 26.70
N PRO A 490 13.05 8.62 27.41
CA PRO A 490 13.40 8.41 28.82
C PRO A 490 12.25 7.85 29.65
N PHE A 491 11.03 8.31 29.39
CA PHE A 491 9.89 7.82 30.15
C PHE A 491 9.50 6.41 29.71
N LEU A 492 9.62 6.11 28.42
CA LEU A 492 9.43 4.74 27.97
C LEU A 492 10.43 3.82 28.63
N LEU A 493 11.68 4.26 28.73
CA LEU A 493 12.72 3.45 29.37
C LEU A 493 12.39 3.21 30.83
N LYS A 494 11.93 4.26 31.53
CA LYS A 494 11.57 4.09 32.93
C LYS A 494 10.40 3.12 33.06
N LEU A 495 9.41 3.23 32.18
CA LEU A 495 8.26 2.32 32.22
C LEU A 495 8.70 0.89 31.97
N PHE A 496 9.58 0.67 30.99
CA PHE A 496 10.03 -0.68 30.71
C PHE A 496 10.91 -1.22 31.84
N GLN A 497 11.70 -0.37 32.47
CA GLN A 497 12.45 -0.79 33.66
C GLN A 497 11.49 -1.27 34.74
N SER A 498 10.43 -0.49 34.99
CA SER A 498 9.43 -0.92 35.97
C SER A 498 8.79 -2.23 35.57
N ILE A 499 8.44 -2.37 34.28
CA ILE A 499 7.76 -3.58 33.82
C ILE A 499 8.66 -4.81 34.00
N GLU A 500 9.92 -4.69 33.61
CA GLU A 500 10.83 -5.82 33.74
C GLU A 500 11.10 -6.15 35.19
N LYS A 501 11.24 -5.14 36.04
CA LYS A 501 11.48 -5.40 37.46
C LYS A 501 10.29 -6.07 38.12
N GLU A 502 9.08 -5.55 37.86
CA GLU A 502 7.88 -6.01 38.54
C GLU A 502 7.07 -7.02 37.74
N GLY A 503 7.19 -7.01 36.42
CA GLY A 503 6.48 -7.98 35.62
C GLY A 503 4.99 -7.74 35.52
N ILE A 504 4.54 -6.50 35.67
CA ILE A 504 3.14 -6.13 35.50
C ILE A 504 3.07 -5.01 34.48
N LEU A 505 2.24 -5.19 33.49
CA LEU A 505 2.08 -4.20 32.44
C LEU A 505 0.97 -3.22 32.80
N PRO A 506 1.01 -1.99 32.30
CA PRO A 506 -0.14 -1.10 32.45
C PRO A 506 -1.37 -1.70 31.79
N ASN A 507 -2.51 -1.54 32.46
CA ASN A 507 -3.72 -2.23 32.01
C ASN A 507 -4.10 -1.85 30.59
N SER A 508 -3.64 -0.71 30.10
CA SER A 508 -3.94 -0.33 28.72
C SER A 508 -3.19 -1.19 27.71
N PHE A 509 -2.10 -1.83 28.11
CA PHE A 509 -1.38 -2.70 27.19
C PHE A 509 -2.25 -3.84 26.70
N TYR A 510 -3.02 -4.44 27.60
CA TYR A 510 -3.87 -5.56 27.21
C TYR A 510 -4.99 -5.15 26.28
N GLU A 511 -5.32 -3.87 26.21
CA GLU A 511 -6.38 -3.43 25.32
C GLU A 511 -5.98 -3.63 23.88
N ALA A 512 -6.90 -4.16 23.08
CA ALA A 512 -6.67 -4.35 21.66
C ALA A 512 -8.00 -4.26 20.92
N SER A 513 -7.93 -3.89 19.65
CA SER A 513 -9.11 -3.74 18.81
C SER A 513 -9.06 -4.78 17.70
N ILE A 514 -9.94 -5.76 17.76
CA ILE A 514 -10.02 -6.76 16.70
C ILE A 514 -10.90 -6.23 15.58
N ILE A 515 -10.43 -6.39 14.36
CA ILE A 515 -11.19 -6.05 13.16
C ILE A 515 -11.19 -7.24 12.23
N LEU A 516 -12.33 -7.53 11.64
CA LEU A 516 -12.54 -8.75 10.87
C LEU A 516 -12.26 -8.45 9.40
N ILE A 517 -11.10 -8.89 8.92
CA ILE A 517 -10.72 -8.74 7.51
C ILE A 517 -11.16 -10.01 6.79
N PRO A 518 -11.93 -9.92 5.71
CA PRO A 518 -12.35 -11.14 5.02
C PRO A 518 -11.17 -11.94 4.49
N LYS A 519 -11.28 -13.26 4.58
CA LYS A 519 -10.26 -14.14 4.00
C LYS A 519 -10.46 -14.21 2.49
N PRO A 520 -9.43 -13.93 1.69
CA PRO A 520 -9.61 -14.00 0.24
C PRO A 520 -10.04 -15.39 -0.21
N GLY A 521 -10.92 -15.42 -1.22
CA GLY A 521 -11.38 -16.68 -1.75
C GLY A 521 -12.31 -17.45 -0.84
N ARG A 522 -12.98 -16.78 0.09
CA ARG A 522 -13.83 -17.43 1.06
C ARG A 522 -15.16 -16.71 1.14
N ASP A 523 -16.19 -17.43 1.55
CA ASP A 523 -17.54 -16.89 1.62
C ASP A 523 -17.64 -15.93 2.80
N THR A 524 -17.70 -14.63 2.50
CA THR A 524 -17.77 -13.63 3.56
C THR A 524 -19.03 -13.77 4.40
N THR A 525 -20.09 -14.37 3.86
CA THR A 525 -21.33 -14.51 4.62
C THR A 525 -21.16 -15.45 5.82
N LYS A 526 -20.13 -16.29 5.81
CA LYS A 526 -19.83 -17.11 6.98
C LYS A 526 -19.02 -16.31 7.98
N LYS A 527 -19.40 -16.39 9.26
CA LYS A 527 -18.66 -15.70 10.29
C LYS A 527 -17.24 -16.25 10.39
N GLU A 528 -17.08 -17.56 10.19
CA GLU A 528 -15.79 -18.21 10.39
C GLU A 528 -14.76 -17.86 9.33
N ASN A 529 -15.16 -17.20 8.24
CA ASN A 529 -14.26 -16.89 7.14
C ASN A 529 -13.60 -15.53 7.28
N PHE A 530 -13.74 -14.88 8.44
CA PHE A 530 -13.08 -13.61 8.70
C PHE A 530 -11.85 -13.83 9.58
N ARG A 531 -10.75 -13.17 9.23
CA ARG A 531 -9.55 -13.18 10.03
C ARG A 531 -9.60 -12.02 11.02
N PRO A 532 -9.58 -12.26 12.32
CA PRO A 532 -9.55 -11.16 13.28
C PRO A 532 -8.13 -10.66 13.49
N ILE A 533 -7.85 -9.47 12.99
CA ILE A 533 -6.53 -8.87 13.13
C ILE A 533 -6.60 -7.78 14.19
N SER A 534 -5.58 -7.73 15.04
CA SER A 534 -5.62 -6.92 16.25
C SER A 534 -4.80 -5.64 16.06
N LEU A 535 -5.38 -4.52 16.46
CA LEU A 535 -4.65 -3.26 16.58
C LEU A 535 -4.33 -3.06 18.05
N MET A 536 -3.05 -2.94 18.37
CA MET A 536 -2.59 -2.82 19.75
C MET A 536 -2.05 -1.43 20.01
N ASN A 537 -2.05 -1.05 21.28
CA ASN A 537 -1.44 0.21 21.67
C ASN A 537 0.00 0.27 21.21
N ILE A 538 0.39 1.42 20.67
CA ILE A 538 1.71 1.53 20.05
C ILE A 538 2.81 1.25 21.07
N ASP A 539 2.63 1.68 22.32
CA ASP A 539 3.63 1.38 23.33
C ASP A 539 3.68 -0.11 23.64
N ALA A 540 2.52 -0.77 23.67
CA ALA A 540 2.52 -2.22 23.81
C ALA A 540 3.23 -2.87 22.64
N LYS A 541 3.01 -2.35 21.42
CA LYS A 541 3.72 -2.88 20.27
C LYS A 541 5.21 -2.63 20.37
N ILE A 542 5.63 -1.53 20.98
CA ILE A 542 7.05 -1.27 21.17
C ILE A 542 7.65 -2.32 22.10
N LEU A 543 6.97 -2.59 23.21
CA LEU A 543 7.47 -3.61 24.13
C LEU A 543 7.51 -4.97 23.44
N ASN A 544 6.47 -5.31 22.68
CA ASN A 544 6.45 -6.60 22.01
C ASN A 544 7.50 -6.69 20.92
N LYS A 545 7.80 -5.58 20.23
CA LYS A 545 8.85 -5.61 19.24
C LYS A 545 10.21 -5.75 19.90
N ILE A 546 10.39 -5.15 21.07
CA ILE A 546 11.60 -5.37 21.85
C ILE A 546 11.77 -6.86 22.12
N LEU A 547 10.71 -7.50 22.64
CA LEU A 547 10.80 -8.91 22.95
C LEU A 547 11.03 -9.75 21.70
N ALA A 548 10.35 -9.41 20.60
CA ALA A 548 10.50 -10.17 19.37
C ALA A 548 11.93 -10.07 18.84
N ASN A 549 12.51 -8.88 18.88
CA ASN A 549 13.90 -8.73 18.45
C ASN A 549 14.84 -9.51 19.37
N ARG A 550 14.58 -9.47 20.68
CA ARG A 550 15.41 -10.23 21.62
C ARG A 550 15.41 -11.71 21.25
N ILE A 551 14.23 -12.29 21.09
CA ILE A 551 14.16 -13.72 20.79
C ILE A 551 14.68 -13.98 19.38
N GLN A 552 14.55 -13.00 18.49
CA GLN A 552 15.01 -13.15 17.12
C GLN A 552 16.53 -13.22 17.03
N GLN A 553 17.22 -12.61 17.99
CA GLN A 553 18.68 -12.66 18.01
C GLN A 553 19.18 -14.08 18.22
N HIS A 554 18.32 -14.99 18.68
CA HIS A 554 18.71 -16.38 18.94
C HIS A 554 17.81 -17.37 18.24
N ILE A 555 16.95 -16.92 17.31
CA ILE A 555 15.93 -17.80 16.77
C ILE A 555 16.54 -18.86 15.86
N LYS A 556 17.65 -18.54 15.18
CA LYS A 556 18.21 -19.49 14.22
C LYS A 556 18.54 -20.82 14.88
N LYS A 557 19.16 -20.77 16.05
CA LYS A 557 19.46 -22.00 16.78
C LYS A 557 18.25 -22.55 17.53
N LEU A 558 17.18 -21.77 17.65
CA LEU A 558 15.99 -22.18 18.37
C LEU A 558 15.00 -22.93 17.50
N ILE A 559 15.10 -22.79 16.17
CA ILE A 559 14.18 -23.41 15.23
C ILE A 559 14.99 -24.11 14.16
N HIS A 560 14.52 -25.28 13.74
CA HIS A 560 15.17 -25.99 12.65
C HIS A 560 14.93 -25.25 11.34
N HIS A 561 15.78 -25.53 10.36
CA HIS A 561 15.67 -24.85 9.08
C HIS A 561 14.51 -25.37 8.24
N ASP A 562 13.81 -26.41 8.69
CA ASP A 562 12.57 -26.79 8.03
C ASP A 562 11.57 -25.64 8.03
N GLN A 563 11.54 -24.87 9.12
CA GLN A 563 10.66 -23.71 9.22
C GLN A 563 11.34 -22.51 8.56
N VAL A 564 10.66 -21.89 7.61
CA VAL A 564 11.21 -20.75 6.89
C VAL A 564 10.23 -19.59 6.91
N GLY A 565 9.24 -19.66 7.79
CA GLY A 565 8.25 -18.61 7.94
C GLY A 565 8.57 -17.77 9.16
N PHE A 566 8.64 -16.46 8.95
CA PHE A 566 8.96 -15.49 9.98
C PHE A 566 10.40 -15.60 10.47
N ILE A 567 11.22 -16.41 9.82
CA ILE A 567 12.60 -16.61 10.22
C ILE A 567 13.48 -15.66 9.41
N PRO A 568 14.25 -14.78 10.03
CA PRO A 568 15.12 -13.90 9.24
C PRO A 568 16.07 -14.70 8.38
N GLY A 569 16.25 -14.23 7.14
CA GLY A 569 17.22 -14.81 6.23
C GLY A 569 16.76 -16.06 5.51
N MET A 570 15.68 -16.68 5.95
CA MET A 570 15.13 -17.84 5.26
C MET A 570 14.07 -17.39 4.28
N GLN A 571 14.06 -18.00 3.11
CA GLN A 571 13.15 -17.62 2.03
C GLN A 571 12.18 -18.76 1.76
N GLY A 572 10.92 -18.40 1.54
CA GLY A 572 9.90 -19.42 1.35
C GLY A 572 10.22 -20.37 0.23
N TRP A 573 10.74 -19.84 -0.88
CA TRP A 573 10.94 -20.69 -2.04
C TRP A 573 11.83 -21.88 -1.72
N PHE A 574 12.68 -21.77 -0.69
CA PHE A 574 13.44 -22.92 -0.25
C PHE A 574 12.52 -24.13 -0.27
N ASN A 575 11.51 -24.10 0.60
CA ASN A 575 10.64 -25.27 0.74
C ASN A 575 10.09 -25.68 -0.62
N ILE A 576 9.61 -24.71 -1.38
CA ILE A 576 9.01 -25.04 -2.68
C ILE A 576 9.97 -25.93 -3.45
N ARG A 577 11.19 -25.43 -3.69
CA ARG A 577 12.14 -26.23 -4.43
C ARG A 577 12.34 -27.59 -3.77
N LYS A 578 12.62 -27.58 -2.46
CA LYS A 578 12.71 -28.83 -1.73
C LYS A 578 11.55 -29.74 -2.09
N SER A 579 10.32 -29.26 -1.86
CA SER A 579 9.15 -30.09 -2.13
C SER A 579 9.19 -30.63 -3.55
N ILE A 580 9.45 -29.75 -4.52
CA ILE A 580 9.43 -30.18 -5.91
C ILE A 580 10.47 -31.28 -6.11
N ASN A 581 11.69 -31.06 -5.60
CA ASN A 581 12.70 -32.10 -5.70
C ASN A 581 12.15 -33.42 -5.17
N VAL A 582 11.55 -33.38 -3.99
CA VAL A 582 10.99 -34.60 -3.41
C VAL A 582 10.01 -35.23 -4.38
N ILE A 583 9.09 -34.43 -4.92
CA ILE A 583 8.11 -35.00 -5.85
C ILE A 583 8.82 -35.61 -7.03
N GLN A 584 9.83 -34.93 -7.56
CA GLN A 584 10.60 -35.50 -8.67
C GLN A 584 11.18 -36.85 -8.26
N HIS A 585 11.77 -36.91 -7.08
CA HIS A 585 12.28 -38.19 -6.59
C HIS A 585 11.17 -39.23 -6.62
N ILE A 586 10.00 -38.87 -6.12
CA ILE A 586 8.88 -39.81 -6.11
C ILE A 586 8.59 -40.28 -7.52
N ASN A 587 8.63 -39.37 -8.49
CA ASN A 587 8.38 -39.76 -9.87
C ASN A 587 9.44 -40.72 -10.37
N ARG A 588 10.69 -40.53 -9.95
CA ARG A 588 11.79 -41.36 -10.45
C ARG A 588 11.86 -42.70 -9.69
N ALA A 589 11.20 -42.80 -8.54
CA ALA A 589 11.31 -44.01 -7.73
C ALA A 589 10.69 -45.20 -8.46
N LYS A 590 11.33 -46.36 -8.33
CA LYS A 590 10.77 -47.59 -8.90
C LYS A 590 9.48 -47.97 -8.19
N ASP A 591 9.51 -48.03 -6.86
CA ASP A 591 8.33 -48.29 -6.05
C ASP A 591 7.84 -46.95 -5.52
N LYS A 592 6.67 -46.52 -6.00
CA LYS A 592 6.17 -45.19 -5.70
C LYS A 592 5.34 -45.14 -4.42
N ASN A 593 5.55 -46.08 -3.50
CA ASN A 593 4.77 -46.16 -2.28
C ASN A 593 5.19 -45.03 -1.34
N HIS A 594 4.64 -43.85 -1.58
CA HIS A 594 4.83 -42.73 -0.66
C HIS A 594 3.84 -41.63 -1.00
N MET A 595 3.70 -40.69 -0.07
CA MET A 595 2.75 -39.61 -0.25
C MET A 595 3.34 -38.33 0.31
N ILE A 596 2.73 -37.21 -0.07
CA ILE A 596 3.02 -35.92 0.55
C ILE A 596 1.68 -35.30 0.95
N ILE A 597 1.64 -34.75 2.15
CA ILE A 597 0.42 -34.15 2.70
C ILE A 597 0.69 -32.69 2.98
N SER A 598 -0.24 -31.83 2.55
CA SER A 598 -0.15 -30.40 2.83
C SER A 598 -1.10 -30.09 3.98
N ILE A 599 -0.59 -30.31 5.20
CA ILE A 599 -1.32 -29.94 6.40
C ILE A 599 -1.43 -28.42 6.46
N ASP A 600 -2.64 -27.93 6.72
CA ASP A 600 -2.84 -26.51 7.01
C ASP A 600 -3.49 -26.39 8.37
N ALA A 601 -2.85 -25.61 9.25
CA ALA A 601 -3.41 -25.38 10.58
C ALA A 601 -4.71 -24.61 10.46
N GLU A 602 -5.71 -25.00 11.25
CA GLU A 602 -6.98 -24.30 11.29
C GLU A 602 -6.88 -23.17 12.30
N LYS A 603 -7.05 -21.94 11.84
CA LYS A 603 -7.16 -20.79 12.74
C LYS A 603 -5.93 -20.68 13.64
N ALA A 604 -4.75 -20.88 13.06
CA ALA A 604 -3.52 -20.75 13.82
C ALA A 604 -3.45 -19.38 14.48
N PHE A 605 -2.58 -19.21 15.47
CA PHE A 605 -2.44 -17.97 16.22
C PHE A 605 -3.63 -17.72 17.13
N ASP A 606 -4.67 -18.53 17.00
CA ASP A 606 -5.86 -18.44 17.82
C ASP A 606 -6.15 -19.72 18.58
N LYS A 607 -5.82 -20.86 18.00
CA LYS A 607 -5.90 -22.14 18.69
C LYS A 607 -4.66 -22.42 19.53
N ILE A 608 -3.67 -21.53 19.51
CA ILE A 608 -2.50 -21.69 20.35
C ILE A 608 -2.89 -21.46 21.80
N GLN A 609 -2.53 -22.39 22.67
CA GLN A 609 -2.86 -22.30 24.08
C GLN A 609 -1.73 -21.59 24.81
N GLN A 610 -2.02 -20.41 25.34
CA GLN A 610 -1.00 -19.61 26.00
C GLN A 610 -0.29 -20.37 27.12
N PRO A 611 -0.96 -21.12 27.99
CA PRO A 611 -0.19 -21.87 28.99
C PRO A 611 0.81 -22.82 28.37
N PHE A 612 0.45 -23.50 27.27
CA PHE A 612 1.39 -24.39 26.61
C PHE A 612 2.54 -23.61 25.99
N MET A 613 2.26 -22.45 25.40
CA MET A 613 3.33 -21.65 24.82
C MET A 613 4.31 -21.18 25.89
N LEU A 614 3.79 -20.72 27.03
CA LEU A 614 4.67 -20.32 28.12
C LEU A 614 5.47 -21.50 28.63
N LYS A 615 4.84 -22.67 28.72
CA LYS A 615 5.54 -23.86 29.16
C LYS A 615 6.66 -24.23 28.19
N THR A 616 6.40 -24.10 26.90
CA THR A 616 7.43 -24.36 25.89
C THR A 616 8.60 -23.40 26.06
N LEU A 617 8.29 -22.12 26.24
CA LEU A 617 9.35 -21.14 26.45
C LEU A 617 10.17 -21.48 27.69
N ASN A 618 9.50 -21.90 28.76
CA ASN A 618 10.22 -22.33 29.95
C ASN A 618 11.12 -23.52 29.66
N LYS A 619 10.61 -24.49 28.90
CA LYS A 619 11.39 -25.66 28.54
C LYS A 619 12.52 -25.32 27.57
N LEU A 620 12.45 -24.16 26.93
CA LEU A 620 13.48 -23.71 26.01
C LEU A 620 14.65 -23.04 26.71
N GLY A 621 14.59 -22.91 28.04
CA GLY A 621 15.61 -22.19 28.76
C GLY A 621 15.37 -20.70 28.87
N ILE A 622 14.27 -20.19 28.30
CA ILE A 622 13.93 -18.78 28.38
C ILE A 622 13.31 -18.56 29.76
N ASP A 623 14.11 -18.07 30.70
CA ASP A 623 13.65 -17.86 32.06
C ASP A 623 14.17 -16.51 32.56
N GLY A 624 13.45 -15.96 33.53
CA GLY A 624 13.85 -14.70 34.13
C GLY A 624 13.07 -13.52 33.62
N THR A 625 13.78 -12.42 33.39
CA THR A 625 13.10 -11.16 33.04
C THR A 625 12.30 -11.31 31.75
N TYR A 626 12.92 -11.90 30.72
CA TYR A 626 12.23 -12.02 29.45
C TYR A 626 10.98 -12.87 29.57
N PHE A 627 11.09 -14.03 30.23
CA PHE A 627 9.92 -14.88 30.40
C PHE A 627 8.91 -14.24 31.32
N LYS A 628 9.36 -13.49 32.32
CA LYS A 628 8.43 -12.76 33.19
C LYS A 628 7.59 -11.80 32.36
N ILE A 629 8.23 -11.04 31.46
CA ILE A 629 7.49 -10.10 30.63
C ILE A 629 6.59 -10.85 29.66
N ILE A 630 7.05 -11.98 29.13
CA ILE A 630 6.22 -12.76 28.22
C ILE A 630 4.95 -13.22 28.92
N ARG A 631 5.11 -13.75 30.12
CA ARG A 631 3.95 -14.20 30.89
C ARG A 631 3.02 -13.02 31.19
N ALA A 632 3.58 -11.87 31.54
CA ALA A 632 2.75 -10.72 31.83
C ALA A 632 1.94 -10.29 30.61
N ILE A 633 2.59 -10.19 29.45
CA ILE A 633 1.90 -9.68 28.27
C ILE A 633 0.77 -10.61 27.87
N TYR A 634 0.87 -11.89 28.22
CA TYR A 634 -0.22 -12.84 28.00
C TYR A 634 -1.01 -13.10 29.29
N ASP A 635 -0.79 -12.30 30.33
CA ASP A 635 -1.49 -12.51 31.59
C ASP A 635 -3.00 -12.34 31.40
N LYS A 636 -3.44 -11.14 31.06
CA LYS A 636 -4.87 -10.84 30.90
C LYS A 636 -5.09 -10.06 29.61
N PRO A 637 -4.78 -10.63 28.47
CA PRO A 637 -5.04 -9.95 27.20
C PRO A 637 -6.53 -9.74 26.98
N THR A 638 -6.86 -8.64 26.33
CA THR A 638 -8.24 -8.27 26.08
C THR A 638 -8.34 -7.74 24.66
N ALA A 639 -9.51 -7.90 24.05
CA ALA A 639 -9.70 -7.50 22.66
C ALA A 639 -11.13 -7.08 22.43
N ASN A 640 -11.32 -5.82 22.00
CA ASN A 640 -12.62 -5.34 21.59
C ASN A 640 -12.74 -5.48 20.07
N ILE A 641 -13.92 -5.88 19.61
CA ILE A 641 -14.18 -6.06 18.18
C ILE A 641 -14.81 -4.79 17.66
N ILE A 642 -14.08 -4.06 16.81
CA ILE A 642 -14.60 -2.83 16.22
C ILE A 642 -15.35 -3.25 14.97
N LEU A 643 -16.62 -3.62 15.16
CA LEU A 643 -17.46 -4.13 14.10
C LEU A 643 -18.38 -3.01 13.62
N ASN A 644 -18.32 -2.72 12.32
CA ASN A 644 -19.11 -1.64 11.72
C ASN A 644 -18.89 -0.34 12.47
N GLY A 645 -17.66 -0.14 12.94
CA GLY A 645 -17.30 1.07 13.65
C GLY A 645 -17.75 1.11 15.10
N GLN A 646 -18.35 0.04 15.61
CA GLN A 646 -18.82 -0.01 16.99
C GLN A 646 -17.90 -0.91 17.81
N LYS A 647 -17.43 -0.41 18.94
CA LYS A 647 -16.59 -1.17 19.85
C LYS A 647 -17.48 -2.06 20.71
N LEU A 648 -17.41 -3.36 20.48
CA LEU A 648 -18.22 -4.32 21.24
C LEU A 648 -17.54 -4.58 22.58
N GLU A 649 -18.00 -5.59 23.31
CA GLU A 649 -17.49 -5.87 24.64
C GLU A 649 -16.06 -6.39 24.56
N ALA A 650 -15.51 -6.70 25.75
CA ALA A 650 -14.09 -7.04 25.89
C ALA A 650 -13.81 -8.51 25.59
N PHE A 651 -14.52 -9.42 26.25
CA PHE A 651 -14.32 -10.85 26.11
C PHE A 651 -12.82 -11.16 26.11
N PRO A 652 -12.15 -11.13 27.26
CA PRO A 652 -10.72 -11.40 27.28
C PRO A 652 -10.39 -12.70 26.58
N LEU A 653 -9.40 -12.66 25.69
CA LEU A 653 -9.04 -13.82 24.90
C LEU A 653 -8.12 -14.72 25.72
N LYS A 654 -8.65 -15.86 26.15
CA LYS A 654 -7.92 -16.76 27.02
C LYS A 654 -6.94 -17.65 26.28
N THR A 655 -7.04 -17.74 24.96
CA THR A 655 -6.13 -18.56 24.17
C THR A 655 -5.69 -17.77 22.94
N GLY A 656 -4.84 -18.40 22.14
CA GLY A 656 -4.32 -17.77 20.95
C GLY A 656 -3.28 -16.74 21.29
N THR A 657 -2.60 -16.28 20.24
CA THR A 657 -1.62 -15.21 20.33
C THR A 657 -2.09 -14.06 19.45
N ARG A 658 -2.07 -12.85 20.00
CA ARG A 658 -2.58 -11.68 19.30
C ARG A 658 -2.08 -11.65 17.87
N GLN A 659 -3.00 -11.64 16.92
CA GLN A 659 -2.67 -11.82 15.51
C GLN A 659 -2.09 -10.58 14.86
N GLY A 660 -2.01 -9.46 15.58
CA GLY A 660 -1.37 -8.28 15.06
C GLY A 660 -0.19 -7.85 15.90
N CYS A 661 0.30 -8.75 16.75
CA CYS A 661 1.40 -8.43 17.63
C CYS A 661 2.73 -8.79 16.97
N PRO A 662 3.76 -7.95 17.10
CA PRO A 662 5.05 -8.30 16.50
C PRO A 662 5.63 -9.59 17.04
N LEU A 663 5.36 -9.88 18.31
CA LEU A 663 5.94 -11.06 18.96
C LEU A 663 5.16 -12.33 18.67
N SER A 664 3.94 -12.22 18.16
CA SER A 664 3.12 -13.41 17.94
C SER A 664 3.73 -14.36 16.92
N PRO A 665 4.23 -13.90 15.76
CA PRO A 665 4.82 -14.85 14.81
C PRO A 665 5.95 -15.68 15.40
N LEU A 666 6.84 -15.05 16.16
CA LEU A 666 7.97 -15.79 16.74
C LEU A 666 7.49 -16.82 17.74
N LEU A 667 6.56 -16.44 18.62
CA LEU A 667 6.07 -17.39 19.62
C LEU A 667 5.34 -18.54 18.96
N PHE A 668 4.54 -18.26 17.93
CA PHE A 668 3.87 -19.36 17.23
C PHE A 668 4.89 -20.28 16.58
N ASN A 669 5.92 -19.72 15.96
CA ASN A 669 6.96 -20.55 15.37
C ASN A 669 7.62 -21.42 16.43
N ILE A 670 7.92 -20.84 17.59
CA ILE A 670 8.56 -21.61 18.65
C ILE A 670 7.66 -22.73 19.13
N VAL A 671 6.36 -22.45 19.27
CA VAL A 671 5.44 -23.46 19.75
C VAL A 671 5.32 -24.59 18.74
N LEU A 672 5.17 -24.26 17.46
CA LEU A 672 5.03 -25.31 16.44
C LEU A 672 6.35 -26.02 16.18
N GLU A 673 7.47 -25.40 16.56
CA GLU A 673 8.74 -26.11 16.48
C GLU A 673 8.73 -27.33 17.37
N VAL A 674 7.93 -27.32 18.43
CA VAL A 674 7.81 -28.51 19.27
C VAL A 674 7.22 -29.66 18.45
N LEU A 675 6.17 -29.38 17.68
CA LEU A 675 5.60 -30.41 16.82
C LEU A 675 6.58 -30.81 15.73
N ALA A 676 7.32 -29.84 15.18
CA ALA A 676 8.29 -30.17 14.14
C ALA A 676 9.37 -31.11 14.68
N ARG A 677 9.88 -30.80 15.88
CA ARG A 677 10.87 -31.65 16.52
C ARG A 677 10.28 -33.02 16.81
N ALA A 678 9.03 -33.06 17.25
CA ALA A 678 8.39 -34.35 17.52
C ALA A 678 8.31 -35.18 16.25
N ILE A 679 7.91 -34.57 15.14
CA ILE A 679 7.81 -35.31 13.89
C ILE A 679 9.18 -35.81 13.46
N ARG A 680 10.21 -34.97 13.58
CA ARG A 680 11.54 -35.39 13.17
C ARG A 680 12.05 -36.52 14.06
N GLN A 681 11.83 -36.43 15.37
CA GLN A 681 12.31 -37.47 16.28
C GLN A 681 11.65 -38.82 15.98
N GLU A 682 10.34 -38.82 15.75
CA GLU A 682 9.61 -40.05 15.55
C GLU A 682 10.19 -40.85 14.39
N LYS A 683 10.77 -42.01 14.69
CA LYS A 683 11.38 -42.83 13.65
C LYS A 683 10.36 -43.69 12.90
N GLU A 684 9.12 -43.77 13.38
CA GLU A 684 8.08 -44.54 12.71
C GLU A 684 7.24 -43.67 11.77
N ILE A 685 7.62 -42.41 11.60
CA ILE A 685 6.97 -41.51 10.65
C ILE A 685 7.97 -41.26 9.53
N LYS A 686 8.75 -42.28 9.21
CA LYS A 686 9.87 -42.17 8.28
C LYS A 686 9.49 -41.35 7.05
N GLY A 687 10.22 -40.26 6.84
CA GLY A 687 10.02 -39.44 5.66
C GLY A 687 10.90 -39.87 4.52
N ILE A 688 10.72 -39.21 3.37
CA ILE A 688 11.46 -39.60 2.18
C ILE A 688 12.95 -39.40 2.42
N GLN A 689 13.75 -40.31 1.88
CA GLN A 689 15.20 -40.30 2.01
C GLN A 689 15.80 -39.94 0.67
N LEU A 690 16.50 -38.82 0.62
CA LEU A 690 17.24 -38.39 -0.56
C LEU A 690 18.71 -38.36 -0.20
N GLY A 691 19.53 -39.07 -0.98
CA GLY A 691 20.95 -39.09 -0.72
C GLY A 691 21.26 -39.45 0.72
N LYS A 692 21.76 -38.47 1.47
CA LYS A 692 22.11 -38.67 2.87
C LYS A 692 21.31 -37.76 3.80
N GLU A 693 20.15 -37.27 3.35
CA GLU A 693 19.34 -36.36 4.14
C GLU A 693 17.92 -36.88 4.28
N GLU A 694 17.34 -36.66 5.46
CA GLU A 694 15.96 -37.03 5.75
C GLU A 694 15.12 -35.76 5.72
N VAL A 695 14.03 -35.79 4.96
CA VAL A 695 13.27 -34.58 4.65
C VAL A 695 11.82 -34.70 5.11
N LYS A 696 11.59 -35.27 6.29
CA LYS A 696 10.23 -35.54 6.76
C LYS A 696 9.24 -34.42 6.43
N LEU A 697 9.53 -33.19 6.85
CA LEU A 697 8.59 -32.10 6.68
C LEU A 697 9.32 -30.78 6.62
N SER A 698 8.70 -29.80 5.98
CA SER A 698 9.19 -28.43 6.01
C SER A 698 8.17 -27.48 5.41
N LEU A 699 7.84 -26.39 6.11
CA LEU A 699 7.01 -25.37 5.49
C LEU A 699 6.95 -24.14 6.40
N PHE A 700 6.17 -23.16 5.96
CA PHE A 700 5.98 -21.89 6.66
C PHE A 700 5.38 -22.10 8.03
N ALA A 701 5.15 -21.00 8.75
CA ALA A 701 4.85 -21.07 10.18
C ALA A 701 3.81 -22.13 10.49
N ASP A 702 2.55 -21.89 10.10
CA ASP A 702 1.49 -22.83 10.42
C ASP A 702 1.26 -23.83 9.30
N ASP A 703 1.39 -23.40 8.06
CA ASP A 703 1.36 -24.33 6.94
C ASP A 703 2.49 -25.33 7.08
N MET A 704 2.18 -26.61 6.95
CA MET A 704 3.19 -27.66 6.98
C MET A 704 2.95 -28.60 5.82
N ILE A 705 4.03 -29.10 5.23
CA ILE A 705 3.96 -30.14 4.22
C ILE A 705 4.90 -31.25 4.64
N VAL A 706 4.41 -32.48 4.65
CA VAL A 706 5.15 -33.64 5.11
C VAL A 706 5.27 -34.61 3.94
N TYR A 707 6.43 -35.25 3.82
CA TYR A 707 6.65 -36.31 2.84
C TYR A 707 6.90 -37.60 3.59
N LEU A 708 6.17 -38.65 3.23
CA LEU A 708 6.18 -39.89 3.98
C LEU A 708 6.36 -41.07 3.04
N GLU A 709 7.13 -42.05 3.50
CA GLU A 709 7.24 -43.35 2.86
C GLU A 709 6.37 -44.35 3.60
N ASN A 710 5.86 -45.33 2.88
CA ASN A 710 4.95 -46.31 3.47
C ASN A 710 3.83 -45.55 4.18
N PRO A 711 2.95 -44.88 3.43
CA PRO A 711 1.91 -44.08 4.08
C PRO A 711 1.03 -44.87 5.03
N ILE A 712 0.71 -46.12 4.70
CA ILE A 712 -0.23 -46.92 5.48
C ILE A 712 0.04 -46.77 6.97
N VAL A 713 1.32 -46.76 7.34
CA VAL A 713 1.71 -46.71 8.74
C VAL A 713 2.28 -45.35 9.11
N SER A 714 3.09 -44.74 8.23
CA SER A 714 3.71 -43.46 8.55
C SER A 714 2.67 -42.36 8.69
N ALA A 715 1.68 -42.32 7.79
CA ALA A 715 0.65 -41.30 7.88
C ALA A 715 -0.21 -41.50 9.12
N GLN A 716 -0.52 -42.75 9.48
CA GLN A 716 -1.25 -43.00 10.71
C GLN A 716 -0.48 -42.53 11.93
N ASN A 717 0.83 -42.81 11.96
CA ASN A 717 1.65 -42.33 13.07
C ASN A 717 1.65 -40.81 13.10
N LEU A 718 1.74 -40.17 11.92
CA LEU A 718 1.73 -38.72 11.88
C LEU A 718 0.42 -38.16 12.41
N LEU A 719 -0.71 -38.77 12.02
CA LEU A 719 -1.99 -38.30 12.53
C LEU A 719 -2.07 -38.47 14.04
N LYS A 720 -1.55 -39.57 14.56
CA LYS A 720 -1.54 -39.77 16.00
C LYS A 720 -0.71 -38.68 16.69
N LEU A 721 0.47 -38.37 16.14
CA LEU A 721 1.31 -37.35 16.75
C LEU A 721 0.64 -35.99 16.68
N ILE A 722 0.01 -35.67 15.55
CA ILE A 722 -0.68 -34.39 15.43
C ILE A 722 -1.85 -34.31 16.39
N SER A 723 -2.57 -35.42 16.58
CA SER A 723 -3.66 -35.43 17.54
C SER A 723 -3.15 -35.21 18.95
N ASN A 724 -2.03 -35.85 19.31
CA ASN A 724 -1.44 -35.61 20.62
C ASN A 724 -1.10 -34.13 20.78
N PHE A 725 -0.45 -33.55 19.77
CA PHE A 725 -0.05 -32.15 19.85
C PHE A 725 -1.27 -31.24 19.95
N SER A 726 -2.33 -31.55 19.20
CA SER A 726 -3.54 -30.75 19.26
C SER A 726 -4.19 -30.83 20.63
N LYS A 727 -4.25 -32.03 21.20
CA LYS A 727 -4.82 -32.21 22.53
C LYS A 727 -4.01 -31.44 23.57
N VAL A 728 -2.70 -31.41 23.41
CA VAL A 728 -1.85 -30.79 24.43
C VAL A 728 -1.69 -29.28 24.25
N SER A 729 -1.89 -28.75 23.04
CA SER A 729 -1.58 -27.36 22.77
C SER A 729 -2.67 -26.63 21.99
N GLY A 730 -3.73 -27.30 21.56
CA GLY A 730 -4.79 -26.67 20.82
C GLY A 730 -4.56 -26.57 19.34
N TYR A 731 -3.37 -26.92 18.85
CA TYR A 731 -3.08 -26.84 17.42
C TYR A 731 -3.96 -27.82 16.66
N LYS A 732 -4.95 -27.29 15.94
CA LYS A 732 -5.89 -28.11 15.20
C LYS A 732 -5.66 -27.94 13.71
N ILE A 733 -5.80 -29.04 12.97
CA ILE A 733 -5.66 -29.04 11.51
C ILE A 733 -7.03 -29.31 10.92
N ASN A 734 -7.41 -28.51 9.92
CA ASN A 734 -8.65 -28.72 9.18
C ASN A 734 -8.39 -29.81 8.14
N VAL A 735 -8.61 -31.06 8.54
CA VAL A 735 -8.24 -32.19 7.70
C VAL A 735 -8.96 -32.15 6.37
N GLN A 736 -10.14 -31.53 6.33
CA GLN A 736 -10.87 -31.43 5.07
C GLN A 736 -10.12 -30.56 4.07
N LYS A 737 -9.73 -29.36 4.49
CA LYS A 737 -9.00 -28.44 3.62
C LYS A 737 -7.50 -28.65 3.73
N SER A 738 -7.07 -29.90 3.57
CA SER A 738 -5.67 -30.29 3.71
C SER A 738 -5.40 -31.38 2.67
N GLN A 739 -4.83 -30.99 1.55
CA GLN A 739 -4.71 -31.87 0.39
C GLN A 739 -3.52 -32.80 0.56
N ALA A 740 -3.31 -33.67 -0.43
CA ALA A 740 -2.20 -34.60 -0.42
C ALA A 740 -2.10 -35.28 -1.78
N PHE A 741 -0.87 -35.55 -2.20
CA PHE A 741 -0.59 -36.45 -3.30
C PHE A 741 -0.27 -37.82 -2.73
N LEU A 742 -0.89 -38.85 -3.28
CA LEU A 742 -0.61 -40.22 -2.89
C LEU A 742 -0.04 -40.97 -4.09
N TYR A 743 0.96 -41.80 -3.85
CA TYR A 743 1.61 -42.58 -4.90
C TYR A 743 1.73 -44.01 -4.42
N THR A 744 1.18 -44.93 -5.21
CA THR A 744 1.27 -46.36 -4.94
C THR A 744 1.19 -47.09 -6.27
N ASN A 745 1.87 -48.23 -6.35
CA ASN A 745 1.88 -49.03 -7.56
C ASN A 745 0.75 -50.04 -7.62
N ASN A 746 -0.12 -50.08 -6.61
CA ASN A 746 -1.27 -50.98 -6.58
C ASN A 746 -2.54 -50.19 -6.35
N ARG A 747 -3.56 -50.45 -7.18
CA ARG A 747 -4.83 -49.76 -7.03
C ARG A 747 -5.50 -50.07 -5.70
N GLN A 748 -5.46 -51.33 -5.27
CA GLN A 748 -6.07 -51.69 -3.99
C GLN A 748 -5.38 -50.98 -2.84
N THR A 749 -4.05 -50.88 -2.90
CA THR A 749 -3.33 -50.14 -1.86
C THR A 749 -3.75 -48.67 -1.85
N GLU A 750 -3.87 -48.08 -3.03
CA GLU A 750 -4.32 -46.68 -3.10
C GLU A 750 -5.70 -46.53 -2.47
N SER A 751 -6.61 -47.45 -2.77
CA SER A 751 -7.98 -47.34 -2.27
C SER A 751 -8.01 -47.50 -0.75
N GLN A 752 -7.33 -48.52 -0.23
CA GLN A 752 -7.36 -48.74 1.21
C GLN A 752 -6.67 -47.61 1.96
N ILE A 753 -5.59 -47.07 1.39
CA ILE A 753 -4.93 -45.92 2.01
C ILE A 753 -5.88 -44.72 2.02
N MET A 754 -6.55 -44.45 0.90
CA MET A 754 -7.59 -43.44 0.87
C MET A 754 -8.59 -43.66 2.00
N GLY A 755 -8.97 -44.91 2.21
CA GLY A 755 -9.89 -45.25 3.28
C GLY A 755 -9.37 -44.85 4.64
N GLU A 756 -8.24 -45.44 5.06
CA GLU A 756 -7.72 -45.17 6.39
C GLU A 756 -7.39 -43.69 6.58
N LEU A 757 -6.73 -43.09 5.60
CA LEU A 757 -6.27 -41.72 5.75
C LEU A 757 -7.44 -40.76 5.58
N PRO A 758 -7.60 -39.76 6.46
CA PRO A 758 -8.74 -38.85 6.34
C PRO A 758 -8.47 -37.66 5.45
N PHE A 759 -7.43 -37.72 4.62
CA PHE A 759 -7.02 -36.59 3.80
C PHE A 759 -7.62 -36.68 2.41
N THR A 760 -7.86 -35.51 1.82
CA THR A 760 -8.38 -35.42 0.47
C THR A 760 -7.22 -35.47 -0.52
N ILE A 761 -7.18 -36.53 -1.32
CA ILE A 761 -6.07 -36.72 -2.27
C ILE A 761 -6.36 -35.90 -3.52
N ALA A 762 -5.44 -35.00 -3.85
CA ALA A 762 -5.56 -34.16 -5.05
C ALA A 762 -4.73 -34.81 -6.14
N SER A 763 -5.40 -35.45 -7.10
CA SER A 763 -4.70 -36.19 -8.15
C SER A 763 -4.03 -35.28 -9.18
N LYS A 764 -4.28 -33.97 -9.13
CA LYS A 764 -3.77 -33.05 -10.14
C LYS A 764 -2.70 -32.13 -9.57
N ARG A 765 -3.00 -31.38 -8.51
CA ARG A 765 -2.07 -30.40 -8.00
C ARG A 765 -2.50 -29.97 -6.62
N ILE A 766 -1.61 -29.24 -5.94
CA ILE A 766 -1.85 -28.67 -4.63
C ILE A 766 -1.35 -27.23 -4.65
N LYS A 767 -2.21 -26.29 -4.28
CA LYS A 767 -1.76 -24.92 -4.13
C LYS A 767 -0.99 -24.79 -2.82
N TYR A 768 0.17 -24.15 -2.89
CA TYR A 768 1.15 -24.24 -1.81
C TYR A 768 2.08 -23.06 -1.96
N LEU A 769 1.97 -22.10 -1.03
CA LEU A 769 2.79 -20.89 -1.06
C LEU A 769 2.69 -20.19 -2.41
N GLY A 770 1.46 -20.09 -2.93
CA GLY A 770 1.26 -19.42 -4.19
C GLY A 770 1.76 -20.17 -5.39
N ILE A 771 2.07 -21.46 -5.23
CA ILE A 771 2.65 -22.27 -6.29
C ILE A 771 1.79 -23.52 -6.45
N GLN A 772 1.56 -23.93 -7.69
CA GLN A 772 0.80 -25.14 -7.94
C GLN A 772 1.78 -26.31 -7.99
N LEU A 773 2.04 -26.90 -6.83
CA LEU A 773 2.80 -28.15 -6.81
C LEU A 773 2.06 -29.20 -7.62
N THR A 774 2.77 -29.86 -8.51
CA THR A 774 2.15 -30.79 -9.45
C THR A 774 2.47 -32.22 -9.03
N ARG A 775 1.48 -33.10 -9.17
CA ARG A 775 1.70 -34.50 -8.81
C ARG A 775 2.89 -35.06 -9.56
N ASP A 776 2.97 -34.78 -10.85
CA ASP A 776 4.12 -35.16 -11.67
C ASP A 776 4.85 -33.89 -12.07
N VAL A 777 6.15 -33.84 -11.76
CA VAL A 777 6.91 -32.61 -11.96
C VAL A 777 6.91 -32.18 -13.42
N LYS A 778 6.69 -33.11 -14.36
CA LYS A 778 6.74 -32.75 -15.76
C LYS A 778 5.68 -31.72 -16.13
N ASP A 779 4.63 -31.58 -15.32
CA ASP A 779 3.57 -30.60 -15.57
C ASP A 779 3.81 -29.27 -14.88
N LEU A 780 4.94 -29.13 -14.18
CA LEU A 780 5.20 -27.93 -13.40
C LEU A 780 4.88 -26.66 -14.19
N PHE A 781 5.58 -26.47 -15.31
CA PHE A 781 5.32 -25.29 -16.13
C PHE A 781 3.84 -25.16 -16.44
N LYS A 782 3.24 -26.23 -16.96
CA LYS A 782 1.86 -26.15 -17.41
C LYS A 782 0.92 -25.75 -16.29
N GLU A 783 1.30 -25.96 -15.04
CA GLU A 783 0.44 -25.63 -13.91
C GLU A 783 0.85 -24.35 -13.21
N ASN A 784 2.02 -23.79 -13.52
CA ASN A 784 2.53 -22.64 -12.78
C ASN A 784 2.72 -21.41 -13.65
N TYR A 785 3.39 -21.56 -14.80
CA TYR A 785 3.69 -20.40 -15.64
C TYR A 785 2.62 -20.16 -16.68
N LYS A 786 2.13 -21.22 -17.33
CA LYS A 786 1.04 -21.02 -18.28
C LYS A 786 -0.16 -20.36 -17.63
N PRO A 787 -0.64 -20.79 -16.46
CA PRO A 787 -1.65 -19.99 -15.77
C PRO A 787 -1.19 -18.58 -15.49
N LEU A 788 -0.03 -18.43 -14.83
CA LEU A 788 0.45 -17.10 -14.48
C LEU A 788 0.47 -16.19 -15.70
N LEU A 789 1.08 -16.66 -16.79
CA LEU A 789 1.10 -15.86 -18.01
C LEU A 789 -0.32 -15.48 -18.40
N LYS A 790 -1.20 -16.47 -18.51
CA LYS A 790 -2.60 -16.18 -18.79
C LYS A 790 -3.15 -15.16 -17.80
N GLU A 791 -2.92 -15.41 -16.51
CA GLU A 791 -3.38 -14.47 -15.49
C GLU A 791 -2.91 -13.06 -15.83
N ILE A 792 -1.61 -12.91 -16.12
CA ILE A 792 -1.09 -11.59 -16.42
C ILE A 792 -1.88 -10.97 -17.56
N LYS A 793 -2.07 -11.74 -18.64
CA LYS A 793 -2.89 -11.28 -19.74
C LYS A 793 -4.23 -10.78 -19.21
N GLU A 794 -4.98 -11.65 -18.54
CA GLU A 794 -6.25 -11.21 -17.97
C GLU A 794 -6.02 -10.01 -17.06
N GLU A 795 -5.04 -10.10 -16.17
CA GLU A 795 -4.80 -9.02 -15.23
C GLU A 795 -4.46 -7.72 -15.94
N THR A 796 -3.86 -7.81 -17.13
CA THR A 796 -3.57 -6.59 -17.87
C THR A 796 -4.70 -6.20 -18.80
N ASN A 797 -5.52 -7.17 -19.22
CA ASN A 797 -6.62 -6.85 -20.13
C ASN A 797 -7.65 -5.96 -19.44
N LYS A 798 -7.90 -6.19 -18.15
CA LYS A 798 -8.80 -5.31 -17.41
C LYS A 798 -8.21 -3.94 -17.18
N TRP A 799 -6.91 -3.76 -17.45
CA TRP A 799 -6.27 -2.45 -17.39
C TRP A 799 -6.15 -1.82 -18.77
N LYS A 800 -6.79 -2.40 -19.78
CA LYS A 800 -6.63 -1.93 -21.14
C LYS A 800 -6.83 -0.42 -21.23
N ASN A 801 -7.88 0.08 -20.59
CA ASN A 801 -8.21 1.50 -20.60
C ASN A 801 -7.82 2.20 -19.31
N ILE A 802 -6.89 1.64 -18.56
CA ILE A 802 -6.49 2.24 -17.29
C ILE A 802 -5.93 3.63 -17.56
N PRO A 803 -6.31 4.65 -16.79
CA PRO A 803 -5.90 6.03 -17.10
C PRO A 803 -4.52 6.38 -16.56
N CYS A 804 -3.49 5.83 -17.18
CA CYS A 804 -2.12 6.14 -16.83
C CYS A 804 -1.28 6.28 -18.10
N SER A 805 -0.26 7.12 -18.01
CA SER A 805 0.66 7.32 -19.12
C SER A 805 1.60 6.12 -19.24
N TRP A 806 2.33 6.08 -20.35
CA TRP A 806 3.25 4.97 -20.59
C TRP A 806 4.20 4.78 -19.40
N VAL A 807 4.65 5.88 -18.80
CA VAL A 807 5.44 5.77 -17.58
C VAL A 807 4.61 5.19 -16.46
N GLY A 808 3.36 5.63 -16.33
CA GLY A 808 2.48 5.06 -15.34
C GLY A 808 2.25 3.59 -15.56
N ARG A 809 2.06 3.19 -16.83
CA ARG A 809 1.86 1.77 -17.12
C ARG A 809 3.13 0.98 -16.82
N ILE A 810 4.31 1.55 -17.10
CA ILE A 810 5.55 0.86 -16.78
C ILE A 810 5.66 0.63 -15.29
N ASN A 811 5.34 1.66 -14.50
CA ASN A 811 5.39 1.48 -13.05
C ASN A 811 4.33 0.52 -12.56
N ILE A 812 3.16 0.50 -13.22
CA ILE A 812 2.13 -0.47 -12.86
C ILE A 812 2.64 -1.88 -13.09
N VAL A 813 3.29 -2.13 -14.22
CA VAL A 813 3.87 -3.44 -14.48
C VAL A 813 4.89 -3.76 -13.39
N LYS A 814 5.84 -2.85 -13.17
CA LYS A 814 6.90 -3.09 -12.21
C LYS A 814 6.35 -3.35 -10.82
N MET A 815 5.19 -2.80 -10.51
CA MET A 815 4.61 -2.91 -9.18
C MET A 815 3.73 -4.13 -9.01
N ALA A 816 3.00 -4.52 -10.05
CA ALA A 816 2.00 -5.58 -9.95
C ALA A 816 2.46 -6.88 -10.59
N ILE A 817 3.00 -6.84 -11.81
CA ILE A 817 3.37 -8.08 -12.47
C ILE A 817 4.75 -8.53 -12.02
N LEU A 818 5.69 -7.60 -11.91
CA LEU A 818 7.07 -7.98 -11.63
C LEU A 818 7.22 -8.73 -10.32
N PRO A 819 6.63 -8.30 -9.20
CA PRO A 819 6.76 -9.13 -7.98
C PRO A 819 6.20 -10.52 -8.17
N LYS A 820 5.06 -10.63 -8.86
CA LYS A 820 4.46 -11.94 -9.11
C LYS A 820 5.38 -12.81 -9.95
N VAL A 821 5.90 -12.26 -11.04
CA VAL A 821 6.75 -13.01 -11.94
C VAL A 821 8.04 -13.42 -11.25
N ILE A 822 8.64 -12.51 -10.48
CA ILE A 822 9.88 -12.83 -9.78
C ILE A 822 9.64 -13.90 -8.73
N TYR A 823 8.53 -13.83 -8.00
CA TYR A 823 8.23 -14.87 -7.04
C TYR A 823 8.10 -16.21 -7.73
N ARG A 824 7.42 -16.24 -8.87
CA ARG A 824 7.29 -17.49 -9.61
C ARG A 824 8.65 -18.02 -10.06
N PHE A 825 9.51 -17.14 -10.57
CA PHE A 825 10.84 -17.56 -10.99
C PHE A 825 11.62 -18.14 -9.82
N ASN A 826 11.61 -17.44 -8.69
CA ASN A 826 12.34 -17.91 -7.52
C ASN A 826 11.85 -19.28 -7.09
N ALA A 827 10.53 -19.47 -7.08
CA ALA A 827 9.97 -20.74 -6.62
C ALA A 827 10.25 -21.86 -7.62
N ILE A 828 10.11 -21.59 -8.91
CA ILE A 828 10.18 -22.62 -9.94
C ILE A 828 11.15 -22.22 -11.04
N PRO A 829 12.46 -22.18 -10.77
CA PRO A 829 13.40 -21.75 -11.82
C PRO A 829 13.70 -22.85 -12.82
N ILE A 830 12.64 -23.33 -13.48
CA ILE A 830 12.79 -24.41 -14.49
C ILE A 830 13.05 -23.79 -15.85
N LYS A 831 13.66 -24.55 -16.77
CA LYS A 831 14.01 -24.05 -18.09
C LYS A 831 12.74 -23.61 -18.81
N LEU A 832 12.50 -22.30 -18.80
CA LEU A 832 11.28 -21.77 -19.41
C LEU A 832 11.48 -21.62 -20.92
N PRO A 833 10.56 -22.15 -21.74
CA PRO A 833 10.68 -21.92 -23.18
C PRO A 833 10.60 -20.44 -23.51
N MET A 834 11.35 -20.03 -24.53
CA MET A 834 11.38 -18.61 -24.88
C MET A 834 10.01 -18.10 -25.32
N THR A 835 9.13 -18.99 -25.78
CA THR A 835 7.79 -18.55 -26.14
C THR A 835 7.13 -17.86 -24.96
N PHE A 836 7.35 -18.38 -23.76
CA PHE A 836 6.79 -17.76 -22.57
C PHE A 836 7.25 -16.32 -22.44
N PHE A 837 8.55 -16.08 -22.61
CA PHE A 837 9.05 -14.72 -22.44
C PHE A 837 8.62 -13.81 -23.57
N THR A 838 8.57 -14.32 -24.79
CA THR A 838 8.06 -13.50 -25.89
C THR A 838 6.62 -13.08 -25.63
N GLU A 839 5.79 -14.03 -25.19
CA GLU A 839 4.40 -13.71 -24.90
C GLU A 839 4.29 -12.72 -23.74
N LEU A 840 5.09 -12.93 -22.69
CA LEU A 840 5.02 -12.04 -21.54
C LEU A 840 5.47 -10.63 -21.89
N GLU A 841 6.58 -10.50 -22.61
CA GLU A 841 7.04 -9.19 -23.04
C GLU A 841 6.02 -8.54 -23.97
N LYS A 842 5.43 -9.33 -24.88
CA LYS A 842 4.45 -8.77 -25.80
C LYS A 842 3.26 -8.21 -25.06
N THR A 843 2.67 -9.00 -24.15
CA THR A 843 1.52 -8.50 -23.41
C THR A 843 1.88 -7.30 -22.56
N THR A 844 3.03 -7.35 -21.89
CA THR A 844 3.44 -6.26 -21.02
C THR A 844 3.59 -4.98 -21.83
N LEU A 845 4.30 -5.05 -22.96
CA LEU A 845 4.47 -3.86 -23.79
C LEU A 845 3.14 -3.36 -24.32
N LYS A 846 2.35 -4.26 -24.89
CA LYS A 846 1.05 -3.87 -25.42
C LYS A 846 0.24 -3.13 -24.37
N PHE A 847 0.30 -3.59 -23.12
CA PHE A 847 -0.34 -2.86 -22.04
C PHE A 847 0.30 -1.50 -21.84
N ILE A 848 1.63 -1.43 -21.88
CA ILE A 848 2.31 -0.18 -21.59
C ILE A 848 1.95 0.88 -22.61
N TRP A 849 1.79 0.49 -23.87
CA TRP A 849 1.42 1.41 -24.94
C TRP A 849 -0.03 1.23 -25.37
N ASN A 850 -0.89 0.81 -24.43
CA ASN A 850 -2.33 0.67 -24.61
C ASN A 850 -2.69 0.23 -26.04
N GLN A 851 -2.14 -0.90 -26.46
CA GLN A 851 -2.54 -1.58 -27.70
C GLN A 851 -2.04 -0.85 -28.95
N LYS A 852 -0.96 -0.08 -28.83
CA LYS A 852 -0.39 0.62 -29.97
C LYS A 852 1.11 0.35 -30.04
N ARG A 853 1.73 0.82 -31.11
CA ARG A 853 3.16 0.63 -31.28
C ARG A 853 3.92 1.38 -30.20
N ALA A 854 4.99 0.75 -29.70
CA ALA A 854 5.83 1.39 -28.70
C ALA A 854 6.39 2.70 -29.23
N ARG A 855 6.09 3.79 -28.53
CA ARG A 855 6.56 5.09 -28.98
C ARG A 855 8.05 5.25 -28.74
N ILE A 856 8.55 4.74 -27.63
CA ILE A 856 9.97 4.79 -27.33
C ILE A 856 10.55 3.40 -27.56
N ALA A 857 11.81 3.37 -27.97
CA ALA A 857 12.48 2.10 -28.20
C ALA A 857 12.51 1.28 -26.91
N LYS A 858 12.16 0.01 -27.01
CA LYS A 858 12.29 -0.86 -25.86
C LYS A 858 13.75 -0.93 -25.39
N SER A 859 14.69 -0.87 -26.32
CA SER A 859 16.09 -0.90 -25.94
C SER A 859 16.46 0.30 -25.10
N ILE A 860 15.95 1.48 -25.46
CA ILE A 860 16.26 2.69 -24.69
C ILE A 860 15.77 2.54 -23.26
N LEU A 861 14.51 2.15 -23.09
CA LEU A 861 13.94 2.06 -21.75
C LEU A 861 14.61 0.96 -20.95
N SER A 862 14.81 -0.21 -21.55
CA SER A 862 15.41 -1.32 -20.83
C SER A 862 16.77 -0.92 -20.26
N GLN A 863 17.52 -0.13 -21.02
CA GLN A 863 18.82 0.34 -20.56
C GLN A 863 18.67 0.98 -19.18
N LYS A 864 19.77 1.07 -18.44
CA LYS A 864 19.70 1.53 -17.07
C LYS A 864 19.09 2.94 -17.01
N ASN A 865 18.80 3.38 -15.80
CA ASN A 865 18.25 4.71 -15.60
C ASN A 865 19.20 5.78 -16.11
N LYS A 866 20.47 5.45 -16.31
CA LYS A 866 21.39 6.39 -16.94
C LYS A 866 20.85 6.89 -18.26
N ALA A 867 20.13 6.04 -19.00
CA ALA A 867 19.61 6.42 -20.31
C ALA A 867 18.43 7.38 -20.22
N GLY A 868 18.03 7.79 -19.01
CA GLY A 868 16.96 8.75 -18.82
C GLY A 868 15.58 8.14 -18.73
N GLY A 869 15.42 6.89 -19.14
CA GLY A 869 14.13 6.22 -19.08
C GLY A 869 13.78 5.77 -17.68
N ILE A 870 12.72 4.98 -17.60
CA ILE A 870 12.19 4.51 -16.34
C ILE A 870 12.46 3.01 -16.16
N THR A 871 13.41 2.46 -16.91
CA THR A 871 13.83 1.08 -16.75
C THR A 871 12.64 0.12 -16.91
N LEU A 872 12.12 0.10 -18.12
CA LEU A 872 11.17 -0.93 -18.51
C LEU A 872 11.71 -2.29 -18.08
N PRO A 873 11.03 -3.00 -17.18
CA PRO A 873 11.59 -4.26 -16.66
C PRO A 873 11.84 -5.27 -17.78
N ASP A 874 12.95 -5.98 -17.66
CA ASP A 874 13.32 -7.03 -18.61
C ASP A 874 13.12 -8.36 -17.91
N PHE A 875 12.00 -9.01 -18.22
CA PHE A 875 11.66 -10.25 -17.52
C PHE A 875 12.62 -11.37 -17.87
N LYS A 876 13.17 -11.38 -19.07
CA LYS A 876 14.14 -12.40 -19.41
C LYS A 876 15.39 -12.27 -18.53
N LEU A 877 15.87 -11.04 -18.34
CA LEU A 877 17.03 -10.86 -17.49
C LEU A 877 16.69 -11.08 -16.02
N TYR A 878 15.47 -10.78 -15.60
CA TYR A 878 15.06 -11.13 -14.24
C TYR A 878 15.05 -12.65 -14.05
N TYR A 879 14.59 -13.38 -15.06
CA TYR A 879 14.62 -14.83 -15.00
C TYR A 879 16.05 -15.34 -14.91
N LYS A 880 16.93 -14.81 -15.74
CA LYS A 880 18.32 -15.25 -15.69
C LYS A 880 18.95 -14.92 -14.34
N ALA A 881 18.66 -13.74 -13.80
CA ALA A 881 19.19 -13.37 -12.50
C ALA A 881 18.69 -14.32 -11.42
N THR A 882 17.39 -14.63 -11.44
CA THR A 882 16.83 -15.53 -10.44
C THR A 882 17.45 -16.92 -10.56
N VAL A 883 17.63 -17.39 -11.80
CA VAL A 883 18.17 -18.73 -12.01
C VAL A 883 19.63 -18.80 -11.56
N THR A 884 20.44 -17.82 -11.94
CA THR A 884 21.84 -17.79 -11.56
C THR A 884 22.04 -17.43 -10.10
N LYS A 885 21.01 -16.94 -9.42
CA LYS A 885 21.14 -16.63 -8.00
C LYS A 885 21.51 -17.87 -7.20
N THR A 886 20.98 -19.03 -7.58
CA THR A 886 21.22 -20.24 -6.81
C THR A 886 22.71 -20.55 -6.69
N ALA A 887 23.51 -20.06 -7.64
CA ALA A 887 24.95 -20.27 -7.54
C ALA A 887 25.51 -19.63 -6.28
N TRP A 888 24.89 -18.57 -5.79
CA TRP A 888 25.33 -17.97 -4.55
C TRP A 888 25.24 -18.96 -3.40
N TYR A 889 24.10 -19.65 -3.30
CA TYR A 889 23.94 -20.66 -2.26
C TYR A 889 24.84 -21.85 -2.51
N TRP A 890 25.09 -22.18 -3.78
CA TRP A 890 26.07 -23.21 -4.08
C TRP A 890 27.43 -22.86 -3.47
N TYR A 891 27.91 -21.66 -3.74
CA TYR A 891 29.22 -21.26 -3.25
C TYR A 891 29.23 -21.19 -1.73
N GLN A 892 28.18 -20.65 -1.14
CA GLN A 892 28.14 -20.54 0.32
C GLN A 892 28.15 -21.91 0.98
N ASN A 893 27.55 -22.91 0.34
CA ASN A 893 27.58 -24.28 0.84
C ASN A 893 26.96 -24.38 2.22
N ARG A 894 25.96 -23.54 2.51
CA ARG A 894 25.33 -23.55 3.82
C ARG A 894 24.73 -24.92 4.11
N ASP A 895 24.89 -25.39 5.35
CA ASP A 895 24.28 -26.65 5.74
C ASP A 895 22.79 -26.51 6.00
N ILE A 896 22.26 -25.29 6.00
CA ILE A 896 20.84 -25.10 6.26
C ILE A 896 20.02 -25.20 4.97
N ASP A 897 20.60 -24.87 3.82
CA ASP A 897 19.88 -24.90 2.55
C ASP A 897 19.78 -26.34 2.04
N GLN A 898 19.08 -27.15 2.82
CA GLN A 898 18.85 -28.54 2.43
C GLN A 898 18.10 -28.63 1.12
N TRP A 899 17.32 -27.61 0.77
CA TRP A 899 16.59 -27.64 -0.49
C TRP A 899 17.53 -27.87 -1.66
N ASN A 900 18.76 -27.37 -1.57
CA ASN A 900 19.70 -27.50 -2.68
C ASN A 900 20.23 -28.91 -2.80
N ARG A 901 20.53 -29.55 -1.67
CA ARG A 901 21.10 -30.89 -1.67
C ARG A 901 20.07 -31.98 -1.91
N THR A 902 18.78 -31.62 -2.00
CA THR A 902 17.73 -32.58 -2.32
C THR A 902 17.54 -32.55 -3.83
N GLU A 903 18.24 -33.45 -4.53
CA GLU A 903 18.17 -33.54 -5.98
C GLU A 903 18.35 -35.00 -6.36
N PRO A 904 18.15 -35.34 -7.62
CA PRO A 904 18.43 -36.71 -8.05
C PRO A 904 19.87 -37.10 -7.73
N SER A 905 20.04 -38.33 -7.25
CA SER A 905 21.31 -38.80 -6.70
C SER A 905 22.02 -39.79 -7.61
N GLU A 906 21.72 -39.77 -8.92
CA GLU A 906 22.39 -40.68 -9.84
C GLU A 906 23.90 -40.57 -9.71
N ILE A 907 24.41 -39.37 -9.46
CA ILE A 907 25.82 -39.14 -9.23
C ILE A 907 25.98 -38.74 -7.76
N MET A 908 27.22 -38.73 -7.29
CA MET A 908 27.48 -38.32 -5.92
C MET A 908 26.91 -36.92 -5.73
N PRO A 909 25.78 -36.78 -5.01
CA PRO A 909 25.13 -35.46 -4.93
C PRO A 909 25.94 -34.42 -4.20
N HIS A 910 26.95 -34.83 -3.44
CA HIS A 910 27.70 -33.87 -2.63
C HIS A 910 28.30 -32.76 -3.47
N ILE A 911 28.53 -33.01 -4.75
CA ILE A 911 29.29 -32.07 -5.60
C ILE A 911 28.27 -31.11 -6.18
N TYR A 912 27.95 -30.08 -5.41
CA TYR A 912 27.21 -28.92 -5.91
C TYR A 912 27.81 -27.66 -5.33
N ASN A 913 28.27 -27.75 -4.08
CA ASN A 913 29.04 -26.66 -3.49
C ASN A 913 30.27 -26.36 -4.32
N TYR A 914 30.75 -27.36 -5.06
CA TYR A 914 31.78 -27.16 -6.07
C TYR A 914 31.12 -26.61 -7.33
N LEU A 915 31.82 -26.68 -8.46
CA LEU A 915 31.34 -26.18 -9.74
C LEU A 915 31.38 -24.66 -9.82
N ILE A 916 31.61 -23.99 -8.70
CA ILE A 916 31.74 -22.54 -8.68
C ILE A 916 33.18 -22.25 -8.27
N PHE A 917 33.97 -21.75 -9.22
CA PHE A 917 35.37 -21.46 -8.99
C PHE A 917 36.12 -22.74 -8.65
N ASP A 918 36.09 -23.68 -9.59
CA ASP A 918 36.83 -24.94 -9.50
C ASP A 918 36.61 -25.68 -10.82
N LYS A 919 37.42 -26.71 -11.04
CA LYS A 919 37.46 -27.34 -12.35
C LYS A 919 36.11 -27.96 -12.69
N PRO A 920 35.78 -28.07 -13.98
CA PRO A 920 34.57 -28.80 -14.37
C PRO A 920 34.87 -30.29 -14.43
N GLU A 921 33.97 -31.08 -13.86
CA GLU A 921 34.12 -32.54 -13.87
C GLU A 921 33.75 -33.03 -15.27
N LYS A 922 34.73 -33.00 -16.16
CA LYS A 922 34.50 -33.39 -17.54
C LYS A 922 33.96 -34.81 -17.61
N ASN A 923 32.97 -35.02 -18.49
CA ASN A 923 32.26 -36.28 -18.66
C ASN A 923 31.32 -36.57 -17.50
N LYS A 924 31.28 -35.72 -16.48
CA LYS A 924 30.44 -35.94 -15.30
C LYS A 924 29.14 -35.18 -15.50
N GLN A 925 28.02 -35.90 -15.42
CA GLN A 925 26.70 -35.33 -15.64
C GLN A 925 26.04 -35.01 -14.32
N TRP A 926 25.23 -33.96 -14.31
CA TRP A 926 24.42 -33.59 -13.16
C TRP A 926 23.03 -34.19 -13.24
N GLY A 927 22.75 -35.02 -14.25
CA GLY A 927 21.48 -35.71 -14.34
C GLY A 927 20.52 -35.06 -15.31
N LYS A 928 20.03 -35.83 -16.28
CA LYS A 928 19.01 -35.31 -17.18
C LYS A 928 17.74 -34.95 -16.44
N ASP A 929 17.51 -35.55 -15.27
CA ASP A 929 16.34 -35.26 -14.48
C ASP A 929 16.46 -34.00 -13.65
N SER A 930 17.67 -33.44 -13.52
CA SER A 930 17.84 -32.24 -12.72
C SER A 930 16.90 -31.15 -13.22
N LEU A 931 16.20 -30.52 -12.28
CA LEU A 931 15.17 -29.56 -12.61
C LEU A 931 15.63 -28.11 -12.48
N PHE A 932 16.38 -27.80 -11.43
CA PHE A 932 16.79 -26.44 -11.12
C PHE A 932 18.29 -26.24 -11.26
N ASN A 933 19.10 -27.15 -10.72
CA ASN A 933 20.53 -26.90 -10.60
C ASN A 933 21.23 -26.98 -11.94
N LYS A 934 20.84 -27.91 -12.81
CA LYS A 934 21.47 -28.00 -14.12
C LYS A 934 21.26 -26.70 -14.90
N TRP A 935 20.04 -26.16 -14.87
CA TRP A 935 19.77 -24.93 -15.60
C TRP A 935 20.52 -23.75 -14.98
N CYS A 936 20.61 -23.71 -13.65
CA CYS A 936 21.41 -22.66 -13.02
C CYS A 936 22.85 -22.75 -13.46
N TRP A 937 23.39 -23.97 -13.55
CA TRP A 937 24.76 -24.15 -14.01
C TRP A 937 24.92 -23.64 -15.43
N GLU A 938 24.00 -23.99 -16.31
CA GLU A 938 24.08 -23.53 -17.70
C GLU A 938 24.07 -22.00 -17.74
N ASN A 939 23.17 -21.37 -16.99
CA ASN A 939 23.10 -19.92 -17.00
C ASN A 939 24.35 -19.28 -16.43
N TRP A 940 24.87 -19.83 -15.33
CA TRP A 940 26.07 -19.28 -14.73
C TRP A 940 27.25 -19.38 -15.70
N LEU A 941 27.38 -20.52 -16.38
CA LEU A 941 28.43 -20.65 -17.37
C LEU A 941 28.25 -19.66 -18.51
N ALA A 942 27.00 -19.47 -18.96
CA ALA A 942 26.77 -18.51 -20.03
C ALA A 942 27.20 -17.12 -19.61
N ILE A 943 26.86 -16.71 -18.38
CA ILE A 943 27.25 -15.39 -17.92
C ILE A 943 28.77 -15.28 -17.85
N CYS A 944 29.43 -16.31 -17.32
CA CYS A 944 30.88 -16.27 -17.21
C CYS A 944 31.54 -16.18 -18.59
N ARG A 945 31.01 -16.91 -19.56
CA ARG A 945 31.54 -16.83 -20.92
C ARG A 945 31.30 -15.44 -21.50
N LYS A 946 30.12 -14.87 -21.28
CA LYS A 946 29.85 -13.53 -21.78
C LYS A 946 30.82 -12.52 -21.20
N LEU A 947 31.11 -12.63 -19.90
CA LEU A 947 32.11 -11.77 -19.28
C LEU A 947 33.52 -12.10 -19.73
N LYS A 948 33.72 -13.21 -20.42
CA LYS A 948 35.05 -13.63 -20.87
C LYS A 948 36.02 -13.68 -19.69
N LEU A 949 35.54 -14.20 -18.56
CA LEU A 949 36.37 -14.46 -17.40
C LEU A 949 36.52 -15.96 -17.21
N ASP A 950 37.60 -16.34 -16.55
CA ASP A 950 37.81 -17.75 -16.23
C ASP A 950 37.05 -18.08 -14.95
N PRO A 951 36.03 -18.95 -15.00
CA PRO A 951 35.22 -19.21 -13.82
C PRO A 951 35.66 -20.38 -12.96
N PHE A 952 36.78 -21.03 -13.29
CA PHE A 952 37.18 -22.25 -12.60
C PHE A 952 38.34 -22.04 -11.62
N LEU A 953 39.09 -20.95 -11.75
CA LEU A 953 40.11 -20.61 -10.78
C LEU A 953 40.14 -19.09 -10.68
N THR A 954 39.69 -18.55 -9.56
CA THR A 954 39.52 -17.11 -9.40
C THR A 954 40.03 -16.69 -8.04
N PRO A 955 40.05 -15.40 -7.73
CA PRO A 955 40.46 -14.97 -6.38
C PRO A 955 39.60 -15.58 -5.29
N TYR A 956 38.36 -15.93 -5.61
CA TYR A 956 37.41 -16.40 -4.62
C TYR A 956 37.27 -17.92 -4.59
N THR A 957 38.15 -18.64 -5.27
CA THR A 957 38.13 -20.09 -5.17
C THR A 957 38.34 -20.50 -3.71
N LYS A 958 37.44 -21.32 -3.21
CA LYS A 958 37.50 -21.73 -1.82
C LYS A 958 38.76 -22.58 -1.58
N ILE A 959 39.21 -22.58 -0.32
CA ILE A 959 40.44 -23.30 0.01
C ILE A 959 40.27 -24.78 -0.27
N ASN A 960 39.04 -25.29 -0.23
CA ASN A 960 38.79 -26.71 -0.49
C ASN A 960 37.56 -26.81 -1.39
N SER A 961 37.78 -26.75 -2.71
CA SER A 961 36.72 -27.04 -3.66
C SER A 961 37.05 -28.27 -4.50
N ARG A 962 38.06 -28.21 -5.36
CA ARG A 962 38.67 -29.41 -5.91
C ARG A 962 40.18 -29.28 -6.09
N TRP A 963 40.72 -28.07 -6.21
CA TRP A 963 42.15 -27.93 -6.49
C TRP A 963 42.98 -28.55 -5.38
N ILE A 964 42.71 -28.16 -4.14
CA ILE A 964 43.42 -28.74 -3.02
C ILE A 964 43.04 -30.21 -2.87
N LYS A 965 41.78 -30.56 -3.15
CA LYS A 965 41.37 -31.95 -3.09
C LYS A 965 42.09 -32.78 -4.14
N ASP A 966 42.21 -32.26 -5.37
CA ASP A 966 42.95 -32.98 -6.40
C ASP A 966 44.45 -33.03 -6.10
N LEU A 967 44.93 -32.23 -5.16
CA LEU A 967 46.27 -32.38 -4.64
C LEU A 967 46.39 -33.52 -3.63
N ASN A 968 45.39 -34.40 -3.57
CA ASN A 968 45.35 -35.51 -2.62
C ASN A 968 45.83 -35.05 -1.24
N VAL A 969 45.22 -33.97 -0.77
CA VAL A 969 45.55 -33.38 0.53
C VAL A 969 44.62 -33.97 1.58
N LYS A 970 45.20 -34.38 2.70
CA LYS A 970 44.40 -34.96 3.77
C LYS A 970 43.38 -33.91 4.27
N PRO A 971 42.14 -34.31 4.54
CA PRO A 971 41.14 -33.32 4.98
C PRO A 971 41.55 -32.55 6.22
N LYS A 972 42.32 -33.15 7.13
CA LYS A 972 42.75 -32.41 8.30
C LYS A 972 43.59 -31.20 7.90
N THR A 973 44.37 -31.32 6.83
CA THR A 973 45.12 -30.17 6.33
C THR A 973 44.18 -29.07 5.88
N ILE A 974 43.11 -29.44 5.18
CA ILE A 974 42.14 -28.45 4.74
C ILE A 974 41.49 -27.77 5.94
N LYS A 975 41.16 -28.56 6.97
CA LYS A 975 40.57 -27.98 8.18
C LYS A 975 41.55 -27.01 8.83
N THR A 976 42.82 -27.38 8.90
CA THR A 976 43.82 -26.48 9.49
C THR A 976 43.91 -25.18 8.71
N LEU A 977 43.96 -25.28 7.37
CA LEU A 977 44.03 -24.09 6.55
C LEU A 977 42.80 -23.21 6.75
N GLU A 978 41.62 -23.83 6.80
CA GLU A 978 40.39 -23.06 6.98
C GLU A 978 40.38 -22.35 8.33
N GLU A 979 40.77 -23.04 9.40
CA GLU A 979 40.68 -22.48 10.74
C GLU A 979 41.84 -21.55 11.08
N ASN A 980 42.91 -21.54 10.26
CA ASN A 980 44.05 -20.68 10.55
C ASN A 980 43.95 -19.33 9.83
N LEU A 981 43.84 -19.35 8.52
CA LEU A 981 43.96 -18.13 7.71
C LEU A 981 42.63 -17.65 7.16
N GLY A 982 41.91 -18.48 6.41
CA GLY A 982 40.67 -18.04 5.80
C GLY A 982 39.97 -19.15 5.04
N ILE A 983 39.32 -18.80 3.94
CA ILE A 983 38.58 -19.78 3.14
C ILE A 983 38.95 -19.74 1.66
N THR A 984 39.50 -18.64 1.14
CA THR A 984 39.84 -18.51 -0.26
C THR A 984 41.31 -18.83 -0.48
N ILE A 985 41.63 -19.26 -1.71
CA ILE A 985 43.02 -19.46 -2.08
C ILE A 985 43.79 -18.16 -1.95
N GLN A 986 43.13 -17.03 -2.15
CA GLN A 986 43.82 -15.74 -2.10
C GLN A 986 44.43 -15.49 -0.73
N ASP A 987 43.70 -15.81 0.34
CA ASP A 987 44.24 -15.59 1.68
C ASP A 987 45.48 -16.43 1.91
N ILE A 988 45.48 -17.66 1.39
CA ILE A 988 46.70 -18.47 1.41
C ILE A 988 47.83 -17.73 0.70
N GLY A 989 47.52 -17.09 -0.42
CA GLY A 989 48.51 -16.41 -1.21
C GLY A 989 49.07 -17.28 -2.31
N VAL A 990 49.72 -16.64 -3.28
CA VAL A 990 50.34 -17.33 -4.40
C VAL A 990 51.66 -16.64 -4.73
N GLY A 991 52.53 -17.38 -5.41
CA GLY A 991 53.82 -16.82 -5.78
C GLY A 991 54.58 -16.36 -4.56
N LYS A 992 55.14 -15.16 -4.65
CA LYS A 992 55.89 -14.61 -3.53
C LYS A 992 55.04 -14.57 -2.26
N ASP A 993 53.74 -14.35 -2.40
CA ASP A 993 52.87 -14.14 -1.25
C ASP A 993 52.33 -15.43 -0.67
N PHE A 994 52.70 -16.59 -1.23
CA PHE A 994 52.24 -17.86 -0.70
C PHE A 994 52.62 -18.01 0.76
N MET A 995 51.63 -18.00 1.65
CA MET A 995 51.87 -18.16 3.08
C MET A 995 52.86 -17.11 3.58
N SER A 996 52.79 -15.90 3.00
CA SER A 996 53.80 -14.88 3.23
C SER A 996 53.19 -13.49 3.39
N LYS A 997 51.98 -13.40 3.95
CA LYS A 997 51.31 -12.11 4.10
C LYS A 997 50.94 -11.76 5.53
N THR A 998 50.87 -12.73 6.43
CA THR A 998 50.54 -12.49 7.82
C THR A 998 51.38 -13.39 8.70
N PRO A 999 51.60 -13.01 9.96
CA PRO A 999 52.29 -13.93 10.87
C PRO A 999 51.55 -15.24 11.03
N LYS A 1000 50.21 -15.19 11.01
CA LYS A 1000 49.43 -16.42 11.04
C LYS A 1000 49.72 -17.28 9.81
N ALA A 1001 49.96 -16.64 8.66
CA ALA A 1001 50.34 -17.40 7.47
C ALA A 1001 51.64 -18.17 7.71
N MET A 1002 52.63 -17.53 8.32
CA MET A 1002 53.88 -18.22 8.62
C MET A 1002 53.66 -19.35 9.61
N ALA A 1003 52.83 -19.09 10.63
CA ALA A 1003 52.54 -20.13 11.62
C ALA A 1003 51.91 -21.35 10.97
N THR A 1004 50.93 -21.12 10.09
CA THR A 1004 50.30 -22.23 9.38
C THR A 1004 51.32 -22.94 8.50
N LYS A 1005 52.13 -22.17 7.77
CA LYS A 1005 53.16 -22.76 6.92
C LYS A 1005 54.04 -23.70 7.72
N ASP A 1006 54.37 -23.32 8.95
CA ASP A 1006 55.14 -24.20 9.82
C ASP A 1006 54.30 -25.37 10.31
N LYS A 1007 52.99 -25.18 10.46
CA LYS A 1007 52.13 -26.17 11.09
C LYS A 1007 51.70 -27.28 10.14
N ILE A 1008 51.86 -27.11 8.84
CA ILE A 1008 51.46 -28.13 7.88
C ILE A 1008 52.56 -29.17 7.77
N ASP A 1009 52.18 -30.41 7.47
CA ASP A 1009 53.17 -31.47 7.26
C ASP A 1009 53.94 -31.22 5.98
N LYS A 1010 55.13 -31.81 5.90
CA LYS A 1010 56.04 -31.50 4.79
C LYS A 1010 55.46 -31.93 3.46
N TRP A 1011 54.79 -33.08 3.39
CA TRP A 1011 54.21 -33.53 2.14
C TRP A 1011 53.11 -32.58 1.67
N ASP A 1012 52.15 -32.29 2.54
CA ASP A 1012 51.10 -31.34 2.18
C ASP A 1012 51.68 -29.96 1.95
N LEU A 1013 52.64 -29.55 2.76
CA LEU A 1013 53.26 -28.24 2.58
C LEU A 1013 53.86 -28.12 1.18
N ILE A 1014 54.61 -29.14 0.74
CA ILE A 1014 55.23 -29.07 -0.56
C ILE A 1014 54.18 -29.17 -1.67
N LYS A 1015 53.10 -29.94 -1.45
CA LYS A 1015 52.04 -29.98 -2.44
C LYS A 1015 51.42 -28.61 -2.65
N LEU A 1016 51.11 -27.91 -1.55
CA LEU A 1016 50.57 -26.56 -1.68
C LEU A 1016 51.59 -25.61 -2.29
N LYS A 1017 52.87 -25.77 -1.95
CA LYS A 1017 53.90 -24.95 -2.58
C LYS A 1017 53.89 -25.16 -4.09
N SER A 1018 53.85 -26.41 -4.52
CA SER A 1018 53.89 -26.71 -5.94
C SER A 1018 52.68 -26.14 -6.66
N PHE A 1019 51.49 -26.28 -6.06
CA PHE A 1019 50.29 -25.80 -6.73
C PHE A 1019 50.19 -24.28 -6.70
N CYS A 1020 50.14 -23.69 -5.50
CA CYS A 1020 49.88 -22.27 -5.38
C CYS A 1020 50.96 -21.45 -6.08
N THR A 1021 52.23 -21.83 -5.93
CA THR A 1021 53.29 -20.98 -6.52
C THR A 1021 53.40 -21.22 -8.03
N ALA A 1022 52.63 -22.16 -8.59
CA ALA A 1022 52.65 -22.33 -10.04
C ALA A 1022 52.27 -21.03 -10.72
N LYS A 1023 52.88 -20.78 -11.89
CA LYS A 1023 52.67 -19.50 -12.57
C LYS A 1023 51.21 -19.34 -12.99
N GLU A 1024 50.61 -20.40 -13.52
CA GLU A 1024 49.24 -20.29 -14.02
C GLU A 1024 48.27 -19.96 -12.90
N THR A 1025 48.37 -20.67 -11.78
CA THR A 1025 47.50 -20.39 -10.64
C THR A 1025 47.77 -18.98 -10.11
N THR A 1026 49.03 -18.58 -10.05
CA THR A 1026 49.36 -17.24 -9.57
C THR A 1026 48.67 -16.18 -10.42
N ILE A 1027 48.78 -16.29 -11.74
CA ILE A 1027 48.20 -15.27 -12.60
C ILE A 1027 46.68 -15.33 -12.54
N ARG A 1028 46.09 -16.52 -12.43
CA ARG A 1028 44.64 -16.64 -12.46
C ARG A 1028 44.00 -16.31 -11.12
N VAL A 1029 44.76 -16.26 -10.04
CA VAL A 1029 44.19 -15.97 -8.72
C VAL A 1029 44.49 -14.54 -8.32
N ASN A 1030 45.65 -14.02 -8.74
CA ASN A 1030 46.03 -12.68 -8.31
C ASN A 1030 45.21 -11.60 -8.98
N ARG A 1031 44.76 -11.83 -10.22
CA ARG A 1031 44.06 -10.78 -10.94
C ARG A 1031 42.84 -10.31 -10.15
N GLN A 1032 42.60 -9.00 -10.18
CA GLN A 1032 41.56 -8.43 -9.35
C GLN A 1032 40.21 -9.03 -9.75
N PRO A 1033 39.31 -9.27 -8.80
CA PRO A 1033 38.05 -9.93 -9.13
C PRO A 1033 37.04 -8.95 -9.70
N THR A 1034 36.34 -9.40 -10.75
CA THR A 1034 35.33 -8.57 -11.37
C THR A 1034 34.11 -8.44 -10.45
N THR A 1035 33.26 -7.47 -10.77
CA THR A 1035 32.06 -7.25 -9.96
C THR A 1035 31.18 -8.49 -9.93
N TRP A 1036 31.08 -9.17 -11.06
CA TRP A 1036 30.25 -10.37 -11.12
C TRP A 1036 30.71 -11.43 -10.13
N GLU A 1037 32.00 -11.44 -9.80
CA GLU A 1037 32.52 -12.41 -8.85
C GLU A 1037 32.36 -11.94 -7.41
N LYS A 1038 32.54 -10.64 -7.18
CA LYS A 1038 32.27 -10.12 -5.81
C LYS A 1038 30.79 -10.37 -5.50
N ILE A 1039 29.93 -10.38 -6.52
CA ILE A 1039 28.51 -10.55 -6.29
C ILE A 1039 28.17 -11.92 -5.75
N PHE A 1040 29.03 -12.92 -5.98
CA PHE A 1040 28.80 -14.27 -5.50
C PHE A 1040 29.78 -14.72 -4.43
N ALA A 1041 30.81 -13.93 -4.15
CA ALA A 1041 31.78 -14.30 -3.13
C ALA A 1041 31.87 -13.30 -2.00
N THR A 1042 31.97 -12.01 -2.30
CA THR A 1042 32.17 -11.01 -1.25
C THR A 1042 31.01 -10.99 -0.27
N TYR A 1043 29.78 -10.99 -0.78
CA TYR A 1043 28.61 -10.88 0.08
C TYR A 1043 28.35 -12.19 0.79
N SER A 1044 28.22 -12.14 2.11
CA SER A 1044 27.92 -13.30 2.92
C SER A 1044 26.42 -13.49 3.16
N SER A 1045 25.60 -12.54 2.75
CA SER A 1045 24.16 -12.61 2.89
C SER A 1045 23.50 -12.51 1.52
N ASP A 1046 22.40 -13.22 1.35
CA ASP A 1046 21.67 -13.27 0.09
C ASP A 1046 20.66 -12.14 -0.04
N LYS A 1047 20.65 -11.19 0.89
CA LYS A 1047 19.73 -10.07 0.79
C LYS A 1047 20.03 -9.24 -0.45
N GLY A 1048 18.97 -8.85 -1.15
CA GLY A 1048 19.13 -8.01 -2.33
C GLY A 1048 19.89 -8.66 -3.45
N LEU A 1049 19.94 -9.99 -3.49
CA LEU A 1049 20.82 -10.67 -4.43
C LEU A 1049 20.29 -10.59 -5.86
N ILE A 1050 19.00 -10.81 -6.05
CA ILE A 1050 18.44 -10.74 -7.41
C ILE A 1050 18.66 -9.35 -7.98
N SER A 1051 18.49 -8.31 -7.16
CA SER A 1051 18.69 -6.95 -7.67
C SER A 1051 20.11 -6.75 -8.16
N ARG A 1052 21.10 -7.22 -7.38
CA ARG A 1052 22.49 -7.04 -7.76
C ARG A 1052 22.82 -7.84 -9.02
N ILE A 1053 22.36 -9.09 -9.07
CA ILE A 1053 22.63 -9.91 -10.25
C ILE A 1053 21.97 -9.30 -11.48
N TYR A 1054 20.76 -8.79 -11.33
CA TYR A 1054 20.06 -8.20 -12.46
C TYR A 1054 20.74 -6.91 -12.92
N ASN A 1055 21.24 -6.10 -11.99
CA ASN A 1055 22.00 -4.93 -12.39
C ASN A 1055 23.26 -5.31 -13.15
N GLU A 1056 23.97 -6.34 -12.66
CA GLU A 1056 25.18 -6.77 -13.36
C GLU A 1056 24.85 -7.32 -14.74
N LEU A 1057 23.77 -8.08 -14.86
CA LEU A 1057 23.35 -8.59 -16.16
C LEU A 1057 22.95 -7.46 -17.09
N LYS A 1058 22.25 -6.46 -16.53
CA LYS A 1058 21.87 -5.27 -17.34
C LYS A 1058 23.15 -4.67 -17.92
N GLN A 1059 24.16 -4.48 -17.08
CA GLN A 1059 25.43 -3.94 -17.56
C GLN A 1059 26.02 -4.84 -18.64
N ILE A 1060 26.01 -6.15 -18.41
CA ILE A 1060 26.64 -7.09 -19.34
C ILE A 1060 25.92 -7.07 -20.68
N TYR A 1061 24.60 -7.21 -20.66
CA TYR A 1061 23.79 -7.32 -21.86
C TYR A 1061 23.29 -5.97 -22.36
N LYS A 1062 24.03 -4.90 -22.12
CA LYS A 1062 23.65 -3.57 -22.57
C LYS A 1062 23.86 -3.48 -24.08
N LYS A 1063 22.78 -3.63 -24.83
CA LYS A 1063 22.85 -3.53 -26.28
C LYS A 1063 23.23 -2.10 -26.68
N LYS A 1064 23.89 -1.99 -27.84
CA LYS A 1064 24.18 -0.68 -28.43
C LYS A 1064 22.92 -0.22 -29.17
N THR A 1065 22.12 0.61 -28.51
CA THR A 1065 20.84 1.02 -29.05
C THR A 1065 20.99 2.26 -29.93
N ASN A 1066 19.94 2.55 -30.68
CA ASN A 1066 19.88 3.74 -31.54
C ASN A 1066 19.47 4.92 -30.68
N ASN A 1067 20.45 5.57 -30.07
CA ASN A 1067 20.18 6.63 -29.11
C ASN A 1067 19.40 7.76 -29.80
N PRO A 1068 18.32 8.26 -29.19
CA PRO A 1068 17.56 9.35 -29.84
C PRO A 1068 18.13 10.73 -29.58
N ILE A 1069 18.91 10.94 -28.52
CA ILE A 1069 19.56 12.24 -28.35
C ILE A 1069 20.52 12.49 -29.50
N LYS A 1070 21.22 11.45 -29.94
CA LYS A 1070 22.08 11.60 -31.12
C LYS A 1070 21.26 11.99 -32.33
N LYS A 1071 20.03 11.49 -32.44
CA LYS A 1071 19.20 11.88 -33.57
C LYS A 1071 18.75 13.33 -33.45
N TRP A 1072 18.50 13.78 -32.22
CA TRP A 1072 18.26 15.21 -32.01
C TRP A 1072 19.44 16.03 -32.52
N ALA A 1073 20.65 15.56 -32.23
CA ALA A 1073 21.84 16.21 -32.77
C ALA A 1073 21.80 16.21 -34.30
N LYS A 1074 21.48 15.06 -34.88
CA LYS A 1074 21.56 14.89 -36.33
C LYS A 1074 20.60 15.83 -37.05
N ASP A 1075 19.33 15.83 -36.65
CA ASP A 1075 18.37 16.71 -37.31
C ASP A 1075 18.52 18.16 -36.88
N MET A 1076 19.29 18.44 -35.83
CA MET A 1076 19.68 19.79 -35.48
C MET A 1076 21.04 20.17 -36.07
N ASN A 1077 21.64 19.30 -36.87
CA ASN A 1077 22.93 19.52 -37.51
C ASN A 1077 23.91 20.16 -36.53
N ARG A 1078 24.11 19.46 -35.41
CA ARG A 1078 25.02 19.94 -34.38
C ARG A 1078 25.45 18.75 -33.52
N HIS A 1079 26.70 18.32 -33.67
CA HIS A 1079 27.21 17.22 -32.87
C HIS A 1079 27.16 17.57 -31.39
N PHE A 1080 26.63 16.64 -30.58
CA PHE A 1080 26.63 16.78 -29.14
C PHE A 1080 27.82 16.05 -28.56
N SER A 1081 28.61 16.75 -27.74
CA SER A 1081 29.71 16.10 -27.05
C SER A 1081 29.17 15.10 -26.04
N LYS A 1082 30.01 14.12 -25.70
CA LYS A 1082 29.62 13.17 -24.67
C LYS A 1082 29.19 13.88 -23.40
N GLU A 1083 29.85 15.00 -23.09
CA GLU A 1083 29.43 15.82 -21.95
C GLU A 1083 28.01 16.35 -22.15
N ASP A 1084 27.68 16.77 -23.38
CA ASP A 1084 26.33 17.24 -23.66
C ASP A 1084 25.31 16.12 -23.49
N ILE A 1085 25.63 14.93 -23.97
CA ILE A 1085 24.70 13.80 -23.80
C ILE A 1085 24.52 13.49 -22.32
N TYR A 1086 25.61 13.49 -21.56
CA TYR A 1086 25.52 13.21 -20.14
C TYR A 1086 24.68 14.27 -19.44
N ALA A 1087 24.87 15.55 -19.80
CA ALA A 1087 24.08 16.61 -19.19
C ALA A 1087 22.61 16.48 -19.54
N ALA A 1088 22.30 16.14 -20.79
CA ALA A 1088 20.90 15.96 -21.18
C ALA A 1088 20.27 14.83 -20.40
N LYS A 1089 20.98 13.71 -20.25
CA LYS A 1089 20.44 12.59 -19.49
C LYS A 1089 20.27 12.97 -18.02
N LYS A 1090 21.24 13.68 -17.45
CA LYS A 1090 21.11 14.09 -16.06
C LYS A 1090 19.90 14.98 -15.87
N HIS A 1091 19.70 15.94 -16.77
CA HIS A 1091 18.56 16.84 -16.68
C HIS A 1091 17.26 16.04 -16.78
N MET A 1092 17.16 15.19 -17.79
CA MET A 1092 15.99 14.33 -17.93
C MET A 1092 15.75 13.50 -16.67
N LYS A 1093 16.82 13.15 -15.96
CA LYS A 1093 16.70 12.39 -14.73
C LYS A 1093 16.19 13.24 -13.57
N LYS A 1094 16.65 14.49 -13.49
CA LYS A 1094 16.39 15.33 -12.32
C LYS A 1094 15.83 16.69 -12.72
N CYS A 1095 15.11 16.77 -13.84
CA CYS A 1095 14.47 18.03 -14.20
C CYS A 1095 13.46 18.44 -13.14
N SER A 1096 12.85 17.46 -12.46
CA SER A 1096 11.90 17.73 -11.40
C SER A 1096 11.68 16.44 -10.61
N SER A 1097 11.16 16.60 -9.39
CA SER A 1097 10.85 15.44 -8.57
C SER A 1097 9.60 14.73 -9.06
N SER A 1098 8.56 15.49 -9.40
CA SER A 1098 7.33 14.87 -9.88
C SER A 1098 7.57 14.17 -11.21
N LEU A 1099 6.89 13.05 -11.41
CA LEU A 1099 7.10 12.25 -12.60
C LEU A 1099 6.28 12.71 -13.79
N ALA A 1100 5.34 13.65 -13.60
CA ALA A 1100 4.71 14.28 -14.75
C ALA A 1100 5.66 15.21 -15.47
N ILE A 1101 6.39 16.03 -14.71
CA ILE A 1101 7.39 16.92 -15.29
C ILE A 1101 8.47 16.09 -15.97
N ARG A 1102 8.98 15.07 -15.28
CA ARG A 1102 9.99 14.21 -15.87
C ARG A 1102 9.46 13.47 -17.08
N GLU A 1103 8.20 13.04 -17.03
CA GLU A 1103 7.63 12.35 -18.19
C GLU A 1103 7.58 13.28 -19.38
N MET A 1104 7.19 14.53 -19.18
CA MET A 1104 7.20 15.47 -20.29
C MET A 1104 8.60 15.63 -20.87
N GLN A 1105 9.60 15.80 -20.00
CA GLN A 1105 10.95 15.98 -20.48
C GLN A 1105 11.45 14.74 -21.23
N ILE A 1106 11.14 13.56 -20.70
CA ILE A 1106 11.58 12.32 -21.34
C ILE A 1106 10.91 12.16 -22.70
N LYS A 1107 9.61 12.46 -22.77
CA LYS A 1107 8.91 12.33 -24.04
C LYS A 1107 9.49 13.27 -25.08
N THR A 1108 9.76 14.53 -24.69
CA THR A 1108 10.30 15.46 -25.68
C THR A 1108 11.71 15.04 -26.09
N THR A 1109 12.55 14.63 -25.13
CA THR A 1109 13.93 14.28 -25.46
C THR A 1109 13.99 13.04 -26.33
N MET A 1110 13.19 12.03 -26.03
CA MET A 1110 13.22 10.77 -26.77
C MET A 1110 12.44 10.83 -28.07
N ARG A 1111 12.10 12.03 -28.54
CA ARG A 1111 11.32 12.17 -29.77
C ARG A 1111 10.06 11.33 -29.68
N TYR A 1112 9.40 11.40 -28.52
CA TYR A 1112 8.20 10.60 -28.29
C TYR A 1112 7.09 10.98 -29.27
N HIS A 1113 6.92 12.27 -29.52
CA HIS A 1113 5.80 12.75 -30.32
C HIS A 1113 6.04 12.43 -31.79
N LEU A 1114 5.11 11.72 -32.42
CA LEU A 1114 5.25 11.39 -33.82
C LEU A 1114 4.83 12.57 -34.67
N THR A 1115 5.76 12.97 -35.55
CA THR A 1115 5.59 14.22 -36.33
C THR A 1115 5.03 13.92 -37.71
N PRO A 1116 4.52 14.93 -38.46
CA PRO A 1116 3.99 14.73 -39.81
C PRO A 1116 4.93 13.99 -40.74
N VAL A 1117 6.24 14.09 -40.53
CA VAL A 1117 7.17 13.27 -41.30
C VAL A 1117 6.92 11.79 -41.00
N ARG A 1118 6.81 11.45 -39.72
CA ARG A 1118 6.59 10.07 -39.34
C ARG A 1118 5.29 9.53 -39.93
N MET A 1119 4.20 10.29 -39.78
CA MET A 1119 2.92 9.84 -40.30
C MET A 1119 2.94 9.76 -41.81
N ALA A 1120 3.59 10.71 -42.48
CA ALA A 1120 3.70 10.66 -43.93
C ALA A 1120 4.41 9.40 -44.38
N ILE A 1121 5.49 9.04 -43.69
CA ILE A 1121 6.25 7.85 -44.08
C ILE A 1121 5.43 6.60 -43.84
N ILE A 1122 4.78 6.50 -42.67
CA ILE A 1122 4.06 5.27 -42.34
C ILE A 1122 2.84 5.11 -43.23
N LYS A 1123 2.11 6.19 -43.49
CA LYS A 1123 0.96 6.17 -44.39
C LYS A 1123 1.34 6.32 -45.85
N LYS A 1124 2.58 6.68 -46.15
CA LYS A 1124 3.09 6.88 -47.50
C LYS A 1124 2.49 8.11 -48.16
N SER A 1125 1.73 8.89 -47.40
CA SER A 1125 1.15 10.14 -47.94
C SER A 1125 2.23 11.22 -48.04
N GLY A 1126 2.15 12.08 -49.05
CA GLY A 1126 3.15 13.12 -49.24
C GLY A 1126 3.00 14.35 -48.37
N ASN A 1127 1.87 14.47 -47.68
CA ASN A 1127 1.58 15.67 -46.89
C ASN A 1127 2.42 15.64 -45.63
N ASN A 1128 3.63 16.19 -45.73
CA ASN A 1128 4.49 16.39 -44.57
C ASN A 1128 4.21 17.73 -43.88
N ARG A 1129 3.22 18.48 -44.36
CA ARG A 1129 2.96 19.79 -43.79
C ARG A 1129 2.59 19.66 -42.31
N CYS A 1130 3.09 20.61 -41.53
CA CYS A 1130 2.84 20.51 -40.07
C CYS A 1130 1.35 20.74 -39.78
N TRP A 1131 0.81 20.03 -38.80
CA TRP A 1131 -0.59 20.10 -38.41
C TRP A 1131 -0.90 21.43 -37.75
N ARG A 1132 -0.57 22.53 -38.41
CA ARG A 1132 -0.91 23.84 -37.90
C ARG A 1132 -1.18 24.86 -39.01
N GLY A 1133 -1.08 24.46 -40.28
CA GLY A 1133 -1.17 25.42 -41.36
C GLY A 1133 0.07 26.26 -41.54
N CYS A 1134 1.16 25.94 -40.85
CA CYS A 1134 2.38 26.72 -41.00
C CYS A 1134 2.90 26.68 -42.42
N GLY A 1135 2.68 25.58 -43.13
CA GLY A 1135 3.15 25.45 -44.49
C GLY A 1135 4.60 25.04 -44.64
N GLU A 1136 5.26 24.66 -43.55
CA GLU A 1136 6.63 24.20 -43.59
C GLU A 1136 6.68 22.69 -43.44
N ILE A 1137 7.90 22.13 -43.52
CA ILE A 1137 8.08 20.70 -43.34
C ILE A 1137 7.73 20.32 -41.92
N GLY A 1138 7.14 19.14 -41.75
CA GLY A 1138 6.69 18.70 -40.45
C GLY A 1138 7.71 17.86 -39.69
N THR A 1139 8.96 18.30 -39.67
CA THR A 1139 9.96 17.62 -38.86
C THR A 1139 9.74 17.93 -37.38
N LEU A 1140 10.29 17.08 -36.52
CA LEU A 1140 10.07 17.23 -35.09
C LEU A 1140 10.60 18.58 -34.60
N LEU A 1141 11.80 18.96 -35.06
CA LEU A 1141 12.34 20.25 -34.67
C LEU A 1141 11.44 21.39 -35.09
N HIS A 1142 10.77 21.19 -36.21
CA HIS A 1142 9.80 22.22 -36.65
C HIS A 1142 8.70 22.32 -35.60
N CYS A 1143 8.07 21.20 -35.27
CA CYS A 1143 6.92 21.20 -34.38
C CYS A 1143 7.28 21.71 -33.00
N TRP A 1144 8.51 21.48 -32.55
CA TRP A 1144 8.93 21.94 -31.23
C TRP A 1144 9.49 23.35 -31.25
N TRP A 1145 10.36 23.65 -32.21
CA TRP A 1145 11.12 24.90 -32.22
C TRP A 1145 10.84 25.77 -33.43
N ASP A 1146 10.95 25.22 -34.64
CA ASP A 1146 10.89 26.02 -35.86
C ASP A 1146 9.49 25.93 -36.45
N CYS A 1147 8.58 26.74 -35.89
CA CYS A 1147 7.24 26.86 -36.45
C CYS A 1147 6.73 28.26 -36.12
N LYS A 1148 6.28 28.97 -37.15
CA LYS A 1148 5.84 30.34 -36.93
C LYS A 1148 4.69 30.39 -35.95
N LEU A 1149 3.90 29.33 -35.86
CA LEU A 1149 2.82 29.29 -34.88
C LEU A 1149 3.29 28.81 -33.52
N VAL A 1150 4.45 28.17 -33.44
CA VAL A 1150 5.05 27.83 -32.16
C VAL A 1150 6.14 28.84 -31.77
N GLN A 1151 6.71 29.55 -32.73
CA GLN A 1151 7.75 30.52 -32.40
C GLN A 1151 7.30 31.60 -31.42
N PRO A 1152 6.11 32.19 -31.53
CA PRO A 1152 5.77 33.27 -30.60
C PRO A 1152 5.82 32.84 -29.14
N LEU A 1153 5.47 31.60 -28.84
CA LEU A 1153 5.57 31.14 -27.46
C LEU A 1153 7.01 31.13 -26.98
N TRP A 1154 7.93 30.63 -27.80
CA TRP A 1154 9.34 30.64 -27.41
C TRP A 1154 9.86 32.06 -27.31
N LYS A 1155 9.43 32.94 -28.21
CA LYS A 1155 9.83 34.34 -28.11
C LYS A 1155 9.36 34.95 -26.80
N SER A 1156 8.13 34.63 -26.38
CA SER A 1156 7.63 35.11 -25.09
C SER A 1156 8.42 34.53 -23.94
N VAL A 1157 8.77 33.25 -24.00
CA VAL A 1157 9.58 32.64 -22.95
C VAL A 1157 10.93 33.34 -22.88
N TRP A 1158 11.49 33.73 -24.02
CA TRP A 1158 12.77 34.41 -24.01
C TRP A 1158 12.63 35.86 -23.54
N ARG A 1159 11.50 36.49 -23.83
CA ARG A 1159 11.21 37.78 -23.23
C ARG A 1159 11.20 37.67 -21.71
N PHE A 1160 10.59 36.61 -21.19
CA PHE A 1160 10.61 36.39 -19.75
C PHE A 1160 12.03 36.13 -19.25
N LEU A 1161 12.82 35.36 -20.00
CA LEU A 1161 14.18 35.06 -19.58
C LEU A 1161 15.00 36.34 -19.48
N ARG A 1162 14.97 37.18 -20.51
CA ARG A 1162 15.70 38.44 -20.47
C ARG A 1162 15.14 39.34 -19.37
N ASP A 1163 13.82 39.33 -19.19
CA ASP A 1163 13.23 40.03 -18.05
C ASP A 1163 13.79 39.50 -16.74
N LEU A 1164 14.25 38.26 -16.73
CA LEU A 1164 14.93 37.67 -15.58
C LEU A 1164 16.44 37.89 -15.63
N GLU A 1165 16.90 38.92 -16.34
CA GLU A 1165 18.33 39.20 -16.53
C GLU A 1165 19.09 37.93 -16.86
N LEU A 1166 18.59 37.19 -17.85
CA LEU A 1166 19.19 35.95 -18.31
C LEU A 1166 19.42 36.06 -19.82
N GLU A 1167 20.67 36.22 -20.22
CA GLU A 1167 21.05 36.31 -21.63
C GLU A 1167 21.55 34.94 -22.07
N ILE A 1168 20.61 34.04 -22.34
CA ILE A 1168 20.94 32.66 -22.67
C ILE A 1168 20.74 32.51 -24.18
N PRO A 1169 21.55 31.70 -24.87
CA PRO A 1169 21.42 31.64 -26.33
C PRO A 1169 20.06 31.11 -26.75
N PHE A 1170 19.55 31.65 -27.85
CA PHE A 1170 18.28 31.18 -28.41
C PHE A 1170 18.53 29.84 -29.09
N ASP A 1171 18.85 28.83 -28.30
CA ASP A 1171 19.30 27.53 -28.78
C ASP A 1171 18.24 26.48 -28.51
N PRO A 1172 17.73 25.76 -29.51
CA PRO A 1172 16.70 24.74 -29.22
C PRO A 1172 17.17 23.69 -28.25
N ALA A 1173 18.46 23.37 -28.24
CA ALA A 1173 18.96 22.32 -27.36
C ALA A 1173 18.65 22.63 -25.91
N ILE A 1174 18.79 23.90 -25.51
CA ILE A 1174 18.62 24.25 -24.09
C ILE A 1174 17.24 23.88 -23.59
N PRO A 1175 16.14 24.32 -24.21
CA PRO A 1175 14.82 23.91 -23.70
C PRO A 1175 14.48 22.48 -24.05
N LEU A 1176 14.73 22.05 -25.28
CA LEU A 1176 14.23 20.74 -25.70
C LEU A 1176 14.98 19.60 -25.03
N LEU A 1177 16.22 19.82 -24.57
CA LEU A 1177 17.00 18.75 -23.96
C LEU A 1177 17.75 19.18 -22.71
N GLY A 1178 17.88 20.48 -22.44
CA GLY A 1178 18.69 20.92 -21.32
C GLY A 1178 20.17 20.91 -21.59
N ILE A 1179 20.57 20.92 -22.86
CA ILE A 1179 22.00 20.89 -23.22
C ILE A 1179 22.47 22.35 -23.24
N TYR A 1180 22.80 22.85 -22.06
CA TYR A 1180 23.27 24.22 -21.96
C TYR A 1180 24.68 24.33 -22.56
N PRO A 1181 25.04 25.50 -23.06
CA PRO A 1181 26.43 25.69 -23.51
C PRO A 1181 27.40 25.47 -22.36
N ASN A 1182 28.60 25.01 -22.71
CA ASN A 1182 29.61 24.70 -21.69
C ASN A 1182 29.90 25.91 -20.82
N GLU A 1183 29.98 27.10 -21.40
CA GLU A 1183 30.31 28.28 -20.63
C GLU A 1183 29.22 28.65 -19.63
N TYR A 1184 28.01 28.14 -19.79
CA TYR A 1184 26.88 28.46 -18.93
C TYR A 1184 26.61 27.26 -18.03
N LYS A 1185 26.92 27.38 -16.74
CA LYS A 1185 26.80 26.27 -15.81
C LYS A 1185 26.23 26.68 -14.45
N SER A 1186 25.59 27.85 -14.35
CA SER A 1186 25.11 28.37 -13.07
C SER A 1186 23.77 27.73 -12.74
N CYS A 1187 23.80 26.66 -11.94
CA CYS A 1187 22.58 25.93 -11.62
C CYS A 1187 21.52 26.80 -10.96
N CYS A 1188 21.92 27.90 -10.31
CA CYS A 1188 20.97 28.77 -9.65
C CYS A 1188 19.84 29.17 -10.60
N TYR A 1189 20.21 29.60 -11.81
CA TYR A 1189 19.22 29.95 -12.81
C TYR A 1189 18.68 28.75 -13.55
N LYS A 1190 19.44 27.64 -13.57
CA LYS A 1190 18.96 26.44 -14.24
C LYS A 1190 17.71 25.90 -13.57
N ASP A 1191 17.65 25.99 -12.23
CA ASP A 1191 16.47 25.49 -11.53
C ASP A 1191 15.20 26.18 -12.02
N THR A 1192 15.26 27.50 -12.25
CA THR A 1192 14.10 28.21 -12.76
C THR A 1192 13.89 27.93 -14.24
N CYS A 1193 14.98 27.89 -15.01
CA CYS A 1193 14.87 27.75 -16.46
C CYS A 1193 14.26 26.41 -16.83
N THR A 1194 14.62 25.35 -16.09
CA THR A 1194 14.04 24.05 -16.37
C THR A 1194 12.53 24.08 -16.28
N ARG A 1195 12.00 24.70 -15.21
CA ARG A 1195 10.56 24.77 -15.05
C ARG A 1195 9.93 25.65 -16.13
N MET A 1196 10.54 26.78 -16.45
CA MET A 1196 10.00 27.62 -17.52
C MET A 1196 9.91 26.83 -18.83
N PHE A 1197 10.99 26.15 -19.18
CA PHE A 1197 11.05 25.42 -20.44
C PHE A 1197 10.06 24.26 -20.46
N ILE A 1198 9.93 23.53 -19.35
CA ILE A 1198 9.01 22.41 -19.35
C ILE A 1198 7.56 22.89 -19.39
N ALA A 1199 7.28 24.04 -18.76
CA ALA A 1199 5.96 24.63 -18.94
C ALA A 1199 5.70 24.96 -20.40
N ALA A 1200 6.70 25.52 -21.08
CA ALA A 1200 6.55 25.80 -22.51
C ALA A 1200 6.31 24.52 -23.28
N LEU A 1201 7.02 23.46 -22.93
CA LEU A 1201 6.86 22.19 -23.62
C LEU A 1201 5.45 21.65 -23.45
N PHE A 1202 4.93 21.70 -22.23
CA PHE A 1202 3.54 21.30 -21.99
C PHE A 1202 2.60 22.13 -22.84
N THR A 1203 2.82 23.45 -22.88
CA THR A 1203 1.94 24.33 -23.64
C THR A 1203 1.91 23.91 -25.11
N ILE A 1204 3.09 23.70 -25.70
CA ILE A 1204 3.15 23.32 -27.10
C ILE A 1204 2.51 21.96 -27.31
N ALA A 1205 2.75 21.02 -26.40
CA ALA A 1205 2.26 19.67 -26.58
C ALA A 1205 0.75 19.61 -26.53
N LYS A 1206 0.13 20.35 -25.61
CA LYS A 1206 -1.33 20.32 -25.52
C LYS A 1206 -1.95 20.65 -26.86
N THR A 1207 -1.54 21.77 -27.46
CA THR A 1207 -1.95 22.13 -28.81
C THR A 1207 -0.87 21.72 -29.80
N TRP A 1208 -0.56 20.42 -29.79
CA TRP A 1208 0.53 19.90 -30.61
C TRP A 1208 0.17 19.86 -32.09
N ASN A 1209 -1.10 19.83 -32.44
CA ASN A 1209 -1.49 19.64 -33.83
C ASN A 1209 -2.61 20.58 -34.28
N GLN A 1210 -2.87 21.61 -33.55
CA GLN A 1210 -3.97 22.47 -33.95
C GLN A 1210 -3.44 23.73 -34.63
N PRO A 1211 -4.14 24.34 -35.62
CA PRO A 1211 -3.65 25.60 -36.18
C PRO A 1211 -3.55 26.61 -35.03
N LYS A 1212 -4.13 26.27 -33.88
CA LYS A 1212 -4.12 27.19 -32.71
C LYS A 1212 -2.68 27.50 -32.28
N CYS A 1213 -2.38 28.77 -32.00
CA CYS A 1213 -1.04 29.17 -31.52
C CYS A 1213 -0.94 28.87 -30.03
N PRO A 1214 0.07 28.11 -29.53
CA PRO A 1214 0.24 27.93 -28.09
C PRO A 1214 0.27 29.32 -27.46
N THR A 1215 -0.81 29.73 -26.80
CA THR A 1215 -0.91 31.08 -26.26
C THR A 1215 0.04 31.26 -25.09
N MET A 1216 0.41 32.52 -24.86
CA MET A 1216 1.20 32.85 -23.69
C MET A 1216 0.44 32.53 -22.41
N ILE A 1217 -0.87 32.76 -22.41
CA ILE A 1217 -1.65 32.58 -21.19
C ILE A 1217 -1.65 31.12 -20.77
N ASP A 1218 -1.67 30.20 -21.73
CA ASP A 1218 -1.57 28.78 -21.38
C ASP A 1218 -0.25 28.49 -20.70
N TRP A 1219 0.84 29.08 -21.19
CA TRP A 1219 2.13 28.89 -20.55
C TRP A 1219 2.13 29.43 -19.13
N ILE A 1220 1.54 30.61 -18.94
CA ILE A 1220 1.46 31.17 -17.58
C ILE A 1220 0.67 30.23 -16.69
N LYS A 1221 -0.45 29.71 -17.18
CA LYS A 1221 -1.31 28.85 -16.36
C LYS A 1221 -0.57 27.58 -15.98
N LYS A 1222 0.13 26.96 -16.92
CA LYS A 1222 0.86 25.74 -16.59
C LYS A 1222 2.00 26.03 -15.62
N MET A 1223 2.70 27.15 -15.81
CA MET A 1223 3.75 27.52 -14.88
C MET A 1223 3.20 27.68 -13.48
N TRP A 1224 2.04 28.33 -13.35
CA TRP A 1224 1.46 28.51 -12.02
C TRP A 1224 0.99 27.19 -11.43
N HIS A 1225 0.48 26.29 -12.28
CA HIS A 1225 0.16 24.94 -11.83
C HIS A 1225 1.37 24.31 -11.18
N ILE A 1226 2.49 24.30 -11.89
CA ILE A 1226 3.72 23.71 -11.35
C ILE A 1226 4.13 24.47 -10.09
N TYR A 1227 3.97 25.79 -10.10
CA TYR A 1227 4.41 26.60 -8.97
C TYR A 1227 3.66 26.23 -7.70
N THR A 1228 2.34 26.15 -7.78
CA THR A 1228 1.55 25.80 -6.60
C THR A 1228 1.83 24.38 -6.15
N MET A 1229 1.91 23.44 -7.09
CA MET A 1229 2.18 22.06 -6.69
C MET A 1229 3.52 21.97 -5.96
N GLU A 1230 4.55 22.60 -6.52
CA GLU A 1230 5.86 22.57 -5.88
C GLU A 1230 5.84 23.31 -4.56
N TYR A 1231 5.08 24.41 -4.46
CA TYR A 1231 5.01 25.14 -3.21
C TYR A 1231 4.50 24.24 -2.09
N TYR A 1232 3.36 23.60 -2.31
CA TYR A 1232 2.80 22.76 -1.25
C TYR A 1232 3.69 21.55 -1.00
N ALA A 1233 4.28 20.97 -2.05
CA ALA A 1233 5.18 19.84 -1.86
C ALA A 1233 6.37 20.22 -1.01
N ALA A 1234 6.96 21.39 -1.26
CA ALA A 1234 8.11 21.83 -0.48
C ALA A 1234 7.71 22.14 0.96
N ILE A 1235 6.54 22.76 1.15
CA ILE A 1235 6.09 23.03 2.51
C ILE A 1235 5.95 21.72 3.27
N LYS A 1236 5.39 20.70 2.64
CA LYS A 1236 5.24 19.41 3.30
C LYS A 1236 6.59 18.74 3.52
N ASN A 1237 7.55 18.96 2.61
CA ASN A 1237 8.87 18.34 2.70
C ASN A 1237 9.91 19.26 3.33
N ASP A 1238 9.51 20.46 3.75
CA ASP A 1238 10.43 21.40 4.40
C ASP A 1238 11.59 21.80 3.49
N GLU A 1239 11.33 21.85 2.18
CA GLU A 1239 12.28 22.36 1.20
C GLU A 1239 11.98 23.80 0.81
N PHE A 1240 11.39 24.58 1.73
CA PHE A 1240 10.85 25.87 1.35
C PHE A 1240 11.92 26.84 0.89
N ILE A 1241 13.10 26.79 1.51
CA ILE A 1241 14.16 27.73 1.15
C ILE A 1241 14.58 27.54 -0.30
N SER A 1242 14.80 26.29 -0.70
CA SER A 1242 15.16 26.02 -2.10
C SER A 1242 14.04 26.44 -3.03
N PHE A 1243 12.79 26.15 -2.65
CA PHE A 1243 11.66 26.51 -3.51
C PHE A 1243 11.61 28.02 -3.74
N VAL A 1244 11.75 28.80 -2.67
CA VAL A 1244 11.72 30.25 -2.84
C VAL A 1244 12.92 30.69 -3.68
N GLY A 1245 14.09 30.11 -3.43
CA GLY A 1245 15.25 30.47 -4.23
C GLY A 1245 15.02 30.26 -5.71
N THR A 1246 14.34 29.18 -6.06
CA THR A 1246 14.13 28.84 -7.46
C THR A 1246 12.83 29.41 -8.04
N TRP A 1247 11.99 30.06 -7.24
CA TRP A 1247 10.71 30.55 -7.77
C TRP A 1247 10.38 32.00 -7.47
N MET A 1248 11.14 32.70 -6.62
CA MET A 1248 10.71 34.03 -6.19
C MET A 1248 10.78 35.03 -7.33
N LYS A 1249 11.91 35.07 -8.06
CA LYS A 1249 12.04 36.01 -9.17
C LYS A 1249 11.00 35.70 -10.24
N LEU A 1250 10.80 34.42 -10.53
CA LEU A 1250 9.83 34.03 -11.56
C LEU A 1250 8.42 34.43 -11.15
N GLU A 1251 8.07 34.26 -9.87
CA GLU A 1251 6.78 34.72 -9.38
C GLU A 1251 6.64 36.23 -9.54
N THR A 1252 7.70 36.97 -9.20
CA THR A 1252 7.63 38.42 -9.33
C THR A 1252 7.35 38.83 -10.78
N ILE A 1253 8.10 38.26 -11.72
CA ILE A 1253 7.90 38.62 -13.12
C ILE A 1253 6.50 38.22 -13.57
N ILE A 1254 6.06 37.02 -13.21
CA ILE A 1254 4.75 36.55 -13.66
C ILE A 1254 3.65 37.45 -13.12
N LEU A 1255 3.75 37.84 -11.84
CA LEU A 1255 2.76 38.72 -11.26
C LEU A 1255 2.77 40.09 -11.94
N SER A 1256 3.96 40.62 -12.21
CA SER A 1256 4.03 41.93 -12.88
C SER A 1256 3.39 41.86 -14.26
N LYS A 1257 3.68 40.81 -15.02
CA LYS A 1257 3.22 40.75 -16.40
C LYS A 1257 1.70 40.75 -16.48
N LEU A 1258 1.03 39.98 -15.63
CA LEU A 1258 -0.41 39.82 -15.73
C LEU A 1258 -1.15 40.99 -15.11
N SER A 1259 -2.36 41.22 -15.60
CA SER A 1259 -3.28 42.20 -15.01
C SER A 1259 -4.06 41.57 -13.87
N GLN A 1260 -4.60 42.42 -13.01
CA GLN A 1260 -5.34 41.91 -11.85
C GLN A 1260 -6.54 41.08 -12.29
N GLU A 1261 -7.22 41.49 -13.35
CA GLU A 1261 -8.39 40.77 -13.82
C GLU A 1261 -8.03 39.36 -14.27
N GLN A 1262 -6.95 39.24 -15.05
CA GLN A 1262 -6.58 37.93 -15.59
C GLN A 1262 -6.16 36.98 -14.48
N LYS A 1263 -5.31 37.46 -13.55
CA LYS A 1263 -4.89 36.60 -12.45
C LYS A 1263 -6.09 36.21 -11.58
N THR A 1264 -7.00 37.15 -11.33
CA THR A 1264 -8.18 36.83 -10.55
C THR A 1264 -9.01 35.76 -11.24
N LYS A 1265 -9.20 35.89 -12.55
CA LYS A 1265 -9.99 34.91 -13.29
C LYS A 1265 -9.33 33.54 -13.24
N HIS A 1266 -8.00 33.50 -13.33
CA HIS A 1266 -7.26 32.26 -13.31
C HIS A 1266 -6.75 31.88 -11.92
N ARG A 1267 -7.12 32.64 -10.89
CA ARG A 1267 -6.77 32.30 -9.51
C ARG A 1267 -5.26 32.23 -9.32
N ILE A 1268 -4.58 33.26 -9.81
CA ILE A 1268 -3.11 33.27 -9.87
C ILE A 1268 -2.58 34.08 -8.70
N PHE A 1269 -3.33 34.12 -7.61
CA PHE A 1269 -2.86 34.80 -6.41
C PHE A 1269 -1.50 34.25 -5.99
N SER A 1270 -0.64 35.17 -5.56
CA SER A 1270 0.73 34.80 -5.14
C SER A 1270 0.71 33.94 -3.87
N LEU A 1271 1.72 33.09 -3.72
CA LEU A 1271 1.83 32.22 -2.55
C LEU A 1271 2.99 32.60 -1.64
N ILE A 1272 4.18 32.83 -2.19
CA ILE A 1272 5.33 33.20 -1.36
C ILE A 1272 5.06 34.54 -0.67
N GLY A 1273 4.58 35.52 -1.43
CA GLY A 1273 4.30 36.83 -0.90
C GLY A 1273 2.83 36.99 -0.55
N GLY A 1274 2.56 37.84 0.44
CA GLY A 1274 1.20 38.10 0.84
C GLY A 1274 0.44 38.93 -0.17
N ASN A 1275 -0.87 38.89 -0.05
CA ASN A 1275 -1.76 39.64 -0.94
C ASN A 1275 -2.47 40.75 -0.18
#